data_6DL9
#
_entry.id   6DL9
#
_cell.length_a   78.045
_cell.length_b   78.045
_cell.length_c   223.286
_cell.angle_alpha   90.00
_cell.angle_beta   90.00
_cell.angle_gamma   90.00
#
_symmetry.space_group_name_H-M   'P 43 21 2'
#
loop_
_entity.id
_entity.type
_entity.pdbx_description
1 polymer 'Malate synthase G'
2 non-polymer 'MAGNESIUM ION'
3 non-polymer '4-(2,6-dichlorophenyl)-2,4-dioxobutanoic acid'
4 water water
#
_entity_poly.entity_id   1
_entity_poly.type   'polypeptide(L)'
_entity_poly.pdbx_seq_one_letter_code
;MTDRVSVGNLRIARVLYDFVNNEALPGTDIDPDSFWAGVDKVVADLTPQNQALLNARDELQAQIDKWHRRRVIEPIDMDA
YRQFLTEIGYLLPEPDDFTITTSGVDAEITTTAGPQLVVPVLNARFALNAANARWGSLYDALYGTDVIPETDGAEKGPTY
NKVRGDKVIAYARKFLDDSVPLSSGSFGDATGFTVQDGQLVVALPDKSTGLANPGQFAGYTGAAESPTSVLLINHGLHIE
ILIDPESQVGTTDRAGVKDVILESAITTIMDFEDSVAAVDAADKVLGYRNWLGLNKGDLAAAVDKDGTAFLRVLNRDRNY
TAPGGGQFTLPGRSLMFVRNVGHLMTNDAIVDTDGSEVFEGIMDALFTGLIAIHGLKASDVNGPLINSRTGSIYIVKPKM
HGPAEVAFTCELFSRVEDVLGLPQNTMKIGIMDEERRTTVNLKACIKAAADRVVFINTGFLDRTGDEIHTSMEAGPMVRK
GTMKSQPWILAYEDHNVDAGLAAGFSGRAQVGKGMWTMTELMADMVETKIAQPRAGASTAWVPSPTAATLHALHYHQVDV
AAVQQGLAGKRRATIEQLLTIPLAKELAWAPDEIREEVDNNCQSILGYVVRWVDQGVGASKVPDIHDVALMEDRATLRIS
SQLLANWLRHGVITSADVRASLERMAPLVDRQNAGDVAYRPMAPNFDDSIAFLAAQELILSGAQQPNGYTEPILHRRRRE
FKARAAEKPAPSDRAGDDAAR
;
_entity_poly.pdbx_strand_id   A
#
loop_
_chem_comp.id
_chem_comp.type
_chem_comp.name
_chem_comp.formula
GXD non-polymer '4-(2,6-dichlorophenyl)-2,4-dioxobutanoic acid' 'C10 H6 Cl2 O4'
MG non-polymer 'MAGNESIUM ION' 'Mg 2'
#
# COMPACT_ATOMS: atom_id res chain seq x y z
N THR A 2 -18.96 21.43 -24.72
CA THR A 2 -18.30 22.62 -24.18
C THR A 2 -16.79 22.46 -24.31
N ASP A 3 -16.17 22.17 -23.17
CA ASP A 3 -14.78 21.73 -23.06
C ASP A 3 -14.66 20.21 -23.19
N ARG A 4 -15.51 19.57 -23.99
CA ARG A 4 -15.58 18.13 -24.04
C ARG A 4 -15.56 17.63 -25.48
N VAL A 5 -15.14 16.37 -25.63
CA VAL A 5 -15.00 15.70 -26.91
C VAL A 5 -16.03 14.57 -26.99
N SER A 6 -16.79 14.53 -28.08
CA SER A 6 -17.84 13.53 -28.25
C SER A 6 -17.23 12.27 -28.87
N VAL A 7 -17.38 11.14 -28.18
CA VAL A 7 -17.04 9.83 -28.73
C VAL A 7 -18.22 8.93 -28.40
N GLY A 8 -19.05 8.63 -29.39
CA GLY A 8 -20.20 7.78 -29.11
C GLY A 8 -21.12 8.46 -28.11
N ASN A 9 -21.49 7.72 -27.05
CA ASN A 9 -22.35 8.29 -26.02
C ASN A 9 -21.57 9.10 -24.98
N LEU A 10 -20.25 9.25 -25.13
CA LEU A 10 -19.43 9.83 -24.09
C LEU A 10 -19.01 11.24 -24.45
N ARG A 11 -18.81 12.07 -23.42
CA ARG A 11 -18.31 13.43 -23.58
C ARG A 11 -17.09 13.61 -22.67
N ILE A 12 -15.90 13.56 -23.28
CA ILE A 12 -14.62 13.43 -22.59
C ILE A 12 -14.01 14.80 -22.37
N ALA A 13 -13.63 15.10 -21.14
CA ALA A 13 -12.95 16.36 -20.86
C ALA A 13 -11.76 16.54 -21.80
N ARG A 14 -11.60 17.75 -22.33
CA ARG A 14 -10.62 17.96 -23.39
C ARG A 14 -9.20 17.70 -22.88
N VAL A 15 -8.91 18.06 -21.63
CA VAL A 15 -7.57 17.86 -21.10
C VAL A 15 -7.21 16.38 -21.04
N LEU A 16 -8.20 15.52 -20.75
CA LEU A 16 -7.94 14.08 -20.77
C LEU A 16 -7.83 13.56 -22.20
N TYR A 17 -8.72 14.00 -23.08
CA TYR A 17 -8.65 13.59 -24.47
C TYR A 17 -7.28 13.91 -25.06
N ASP A 18 -6.81 15.16 -24.88
CA ASP A 18 -5.52 15.56 -25.41
C ASP A 18 -4.38 14.75 -24.79
N PHE A 19 -4.43 14.52 -23.48
CA PHE A 19 -3.35 13.77 -22.83
C PHE A 19 -3.21 12.38 -23.44
N VAL A 20 -4.33 11.66 -23.59
CA VAL A 20 -4.25 10.31 -24.15
C VAL A 20 -3.73 10.35 -25.57
N ASN A 21 -4.20 11.33 -26.37
CA ASN A 21 -3.85 11.35 -27.80
C ASN A 21 -2.39 11.73 -28.02
N ASN A 22 -1.94 12.78 -27.36
CA ASN A 22 -0.61 13.32 -27.60
C ASN A 22 0.46 12.64 -26.77
N GLU A 23 0.11 12.09 -25.61
CA GLU A 23 1.13 11.55 -24.72
C GLU A 23 1.04 10.05 -24.51
N ALA A 24 -0.15 9.48 -24.32
CA ALA A 24 -0.24 8.08 -23.94
C ALA A 24 -0.31 7.13 -25.15
N LEU A 25 -1.05 7.49 -26.18
CA LEU A 25 -1.17 6.60 -27.34
C LEU A 25 0.10 6.49 -28.19
N PRO A 26 0.84 7.59 -28.44
CA PRO A 26 2.03 7.48 -29.31
C PRO A 26 3.05 6.50 -28.76
N GLY A 27 3.45 5.55 -29.58
CA GLY A 27 4.39 4.52 -29.18
C GLY A 27 3.74 3.19 -28.85
N THR A 28 2.42 3.15 -28.73
CA THR A 28 1.75 1.89 -28.40
C THR A 28 1.28 1.15 -29.63
N ASP A 29 1.23 1.82 -30.78
CA ASP A 29 0.72 1.26 -32.03
C ASP A 29 -0.73 0.83 -31.91
N ILE A 30 -1.48 1.51 -31.05
CA ILE A 30 -2.92 1.38 -30.98
C ILE A 30 -3.54 2.52 -31.77
N ASP A 31 -4.40 2.17 -32.73
CA ASP A 31 -5.07 3.17 -33.54
C ASP A 31 -5.96 4.03 -32.64
N PRO A 32 -5.75 5.35 -32.61
CA PRO A 32 -6.52 6.21 -31.69
C PRO A 32 -8.03 6.11 -31.84
N ASP A 33 -8.55 6.18 -33.06
CA ASP A 33 -10.00 6.06 -33.25
C ASP A 33 -10.51 4.74 -32.67
N SER A 34 -9.73 3.68 -32.82
CA SER A 34 -10.14 2.39 -32.29
C SER A 34 -10.09 2.36 -30.76
N PHE A 35 -9.11 3.04 -30.17
CA PHE A 35 -9.05 3.10 -28.73
C PHE A 35 -10.29 3.79 -28.16
N TRP A 36 -10.61 4.97 -28.71
CA TRP A 36 -11.72 5.76 -28.18
C TRP A 36 -13.06 5.08 -28.43
N ALA A 37 -13.22 4.41 -29.58
CA ALA A 37 -14.41 3.61 -29.80
C ALA A 37 -14.53 2.51 -28.76
N GLY A 38 -13.40 1.89 -28.41
CA GLY A 38 -13.40 0.87 -27.38
C GLY A 38 -13.77 1.41 -26.01
N VAL A 39 -13.26 2.60 -25.66
CA VAL A 39 -13.65 3.26 -24.42
C VAL A 39 -15.16 3.38 -24.32
N ASP A 40 -15.78 3.94 -25.37
CA ASP A 40 -17.24 4.07 -25.39
C ASP A 40 -17.93 2.72 -25.28
N LYS A 41 -17.44 1.72 -26.00
CA LYS A 41 -18.09 0.41 -26.01
C LYS A 41 -17.98 -0.29 -24.65
N VAL A 42 -16.77 -0.32 -24.07
CA VAL A 42 -16.59 -0.96 -22.77
C VAL A 42 -17.43 -0.27 -21.71
N VAL A 43 -17.43 1.07 -21.70
CA VAL A 43 -18.26 1.80 -20.74
C VAL A 43 -19.73 1.45 -20.95
N ALA A 44 -20.18 1.42 -22.21
CA ALA A 44 -21.59 1.13 -22.46
C ALA A 44 -21.96 -0.28 -22.01
N ASP A 45 -21.09 -1.25 -22.26
CA ASP A 45 -21.38 -2.66 -21.99
C ASP A 45 -21.33 -3.03 -20.51
N LEU A 46 -20.43 -2.41 -19.75
CA LEU A 46 -20.14 -2.85 -18.39
C LEU A 46 -20.74 -1.97 -17.31
N THR A 47 -21.17 -0.76 -17.64
CA THR A 47 -21.80 0.10 -16.64
C THR A 47 -23.02 -0.52 -15.97
N PRO A 48 -23.93 -1.21 -16.68
CA PRO A 48 -25.10 -1.80 -15.99
C PRO A 48 -24.73 -2.83 -14.92
N GLN A 49 -23.77 -3.71 -15.18
CA GLN A 49 -23.40 -4.66 -14.14
C GLN A 49 -22.63 -3.98 -13.02
N ASN A 50 -21.80 -2.99 -13.35
CA ASN A 50 -21.15 -2.20 -12.31
C ASN A 50 -22.19 -1.64 -11.34
N GLN A 51 -23.28 -1.08 -11.88
CA GLN A 51 -24.30 -0.48 -11.02
C GLN A 51 -25.07 -1.54 -10.24
N ALA A 52 -25.41 -2.67 -10.89
CA ALA A 52 -26.09 -3.74 -10.19
C ALA A 52 -25.26 -4.25 -9.01
N LEU A 53 -23.93 -4.32 -9.18
CA LEU A 53 -23.08 -4.80 -8.09
C LEU A 53 -23.15 -3.85 -6.89
N LEU A 54 -23.12 -2.54 -7.13
CA LEU A 54 -23.25 -1.56 -6.05
C LEU A 54 -24.62 -1.60 -5.40
N ASN A 55 -25.67 -1.81 -6.21
CA ASN A 55 -27.00 -1.94 -5.63
C ASN A 55 -27.09 -3.18 -4.74
N ALA A 56 -26.38 -4.25 -5.11
CA ALA A 56 -26.42 -5.47 -4.30
C ALA A 56 -25.75 -5.25 -2.94
N ARG A 57 -24.67 -4.48 -2.89
CA ARG A 57 -24.09 -4.10 -1.61
C ARG A 57 -25.12 -3.44 -0.71
N ASP A 58 -25.81 -2.43 -1.25
CA ASP A 58 -26.80 -1.70 -0.44
C ASP A 58 -27.88 -2.63 0.07
N GLU A 59 -28.32 -3.57 -0.77
CA GLU A 59 -29.39 -4.49 -0.39
C GLU A 59 -28.93 -5.45 0.70
N LEU A 60 -27.70 -5.95 0.60
CA LEU A 60 -27.18 -6.81 1.64
C LEU A 60 -27.06 -6.05 2.96
N GLN A 61 -26.55 -4.82 2.92
CA GLN A 61 -26.38 -4.06 4.15
C GLN A 61 -27.73 -3.76 4.81
N ALA A 62 -28.74 -3.39 4.02
CA ALA A 62 -30.07 -3.14 4.57
C ALA A 62 -30.61 -4.36 5.31
N GLN A 63 -30.46 -5.55 4.72
CA GLN A 63 -30.94 -6.77 5.38
C GLN A 63 -30.20 -7.02 6.68
N ILE A 64 -28.89 -6.83 6.67
CA ILE A 64 -28.10 -7.02 7.90
C ILE A 64 -28.50 -6.00 8.96
N ASP A 65 -28.63 -4.73 8.57
CA ASP A 65 -29.11 -3.71 9.50
C ASP A 65 -30.41 -4.15 10.17
N LYS A 66 -31.35 -4.62 9.36
CA LYS A 66 -32.66 -5.04 9.88
C LYS A 66 -32.55 -6.27 10.75
N TRP A 67 -31.65 -7.20 10.39
CA TRP A 67 -31.43 -8.37 11.23
C TRP A 67 -31.06 -7.97 12.65
N HIS A 68 -30.12 -7.05 12.80
CA HIS A 68 -29.71 -6.61 14.13
C HIS A 68 -30.85 -5.88 14.84
N ARG A 69 -31.61 -5.07 14.12
CA ARG A 69 -32.61 -4.23 14.76
C ARG A 69 -33.76 -5.05 15.32
N ARG A 70 -34.05 -6.20 14.72
CA ARG A 70 -35.16 -7.04 15.17
C ARG A 70 -34.76 -8.04 16.24
N ARG A 71 -33.52 -8.03 16.70
CA ARG A 71 -33.07 -8.96 17.73
CA ARG A 71 -33.06 -8.96 17.72
C ARG A 71 -32.70 -8.20 19.00
N VAL A 72 -32.95 -8.84 20.14
CA VAL A 72 -32.56 -8.30 21.43
C VAL A 72 -31.40 -9.07 22.05
N ILE A 73 -31.28 -10.39 21.77
CA ILE A 73 -30.40 -11.26 22.53
C ILE A 73 -28.97 -10.76 22.45
N GLU A 74 -28.36 -10.52 23.62
CA GLU A 74 -27.06 -9.84 23.66
C GLU A 74 -25.96 -10.67 23.01
N PRO A 75 -25.71 -11.91 23.43
CA PRO A 75 -24.74 -12.74 22.68
C PRO A 75 -25.35 -13.14 21.35
N ILE A 76 -24.75 -12.67 20.26
CA ILE A 76 -25.28 -12.98 18.94
C ILE A 76 -25.28 -14.49 18.76
N ASP A 77 -26.43 -15.05 18.38
CA ASP A 77 -26.50 -16.48 18.11
C ASP A 77 -25.81 -16.75 16.79
N MET A 78 -24.58 -17.29 16.86
CA MET A 78 -23.74 -17.39 15.67
C MET A 78 -24.31 -18.38 14.66
N ASP A 79 -24.96 -19.43 15.13
CA ASP A 79 -25.54 -20.38 14.19
C ASP A 79 -26.64 -19.73 13.36
N ALA A 80 -27.47 -18.92 13.99
CA ALA A 80 -28.55 -18.26 13.27
C ALA A 80 -28.00 -17.18 12.34
N TYR A 81 -27.04 -16.39 12.83
CA TYR A 81 -26.40 -15.35 12.05
C TYR A 81 -25.76 -15.92 10.79
N ARG A 82 -25.00 -17.01 10.94
CA ARG A 82 -24.38 -17.69 9.80
C ARG A 82 -25.43 -18.17 8.80
N GLN A 83 -26.51 -18.77 9.30
CA GLN A 83 -27.58 -19.23 8.42
C GLN A 83 -28.21 -18.07 7.67
N PHE A 84 -28.38 -16.93 8.35
CA PHE A 84 -28.96 -15.76 7.70
C PHE A 84 -28.06 -15.25 6.56
N LEU A 85 -26.74 -15.09 6.82
CA LEU A 85 -25.82 -14.63 5.78
C LEU A 85 -25.78 -15.59 4.59
N THR A 86 -25.93 -16.90 4.83
CA THR A 86 -26.00 -17.81 3.70
C THR A 86 -27.31 -17.62 2.94
N GLU A 87 -28.41 -17.43 3.69
CA GLU A 87 -29.72 -17.23 3.08
C GLU A 87 -29.72 -16.05 2.12
N ILE A 88 -29.18 -14.91 2.55
CA ILE A 88 -29.25 -13.70 1.75
C ILE A 88 -28.18 -13.61 0.67
N GLY A 89 -27.31 -14.60 0.54
CA GLY A 89 -26.27 -14.58 -0.50
C GLY A 89 -25.00 -13.86 -0.12
N TYR A 90 -24.80 -13.57 1.15
CA TYR A 90 -23.58 -12.91 1.64
C TYR A 90 -22.46 -13.92 1.80
N LEU A 91 -22.76 -15.03 2.45
CA LEU A 91 -21.84 -16.14 2.65
C LEU A 91 -22.14 -17.17 1.56
N LEU A 92 -21.19 -17.38 0.65
CA LEU A 92 -21.39 -18.30 -0.46
C LEU A 92 -20.67 -19.60 -0.21
N PRO A 93 -21.07 -20.68 -0.90
CA PRO A 93 -20.36 -21.96 -0.74
C PRO A 93 -18.88 -21.83 -1.09
N GLU A 94 -18.05 -22.55 -0.35
CA GLU A 94 -16.62 -22.52 -0.62
C GLU A 94 -16.28 -23.50 -1.75
N PRO A 95 -15.51 -23.09 -2.74
CA PRO A 95 -15.21 -23.97 -3.88
C PRO A 95 -14.30 -25.12 -3.49
N ASP A 96 -14.24 -26.10 -4.40
CA ASP A 96 -13.29 -27.18 -4.23
C ASP A 96 -11.86 -26.65 -4.30
N ASP A 97 -10.93 -27.40 -3.72
CA ASP A 97 -9.52 -27.02 -3.76
C ASP A 97 -9.07 -26.86 -5.21
N PHE A 98 -8.12 -25.96 -5.42
CA PHE A 98 -7.61 -25.65 -6.75
C PHE A 98 -6.27 -24.96 -6.58
N THR A 99 -5.56 -24.83 -7.68
CA THR A 99 -4.28 -24.14 -7.73
C THR A 99 -4.37 -23.03 -8.78
N ILE A 100 -3.83 -21.85 -8.46
CA ILE A 100 -3.87 -20.75 -9.42
C ILE A 100 -3.01 -21.09 -10.62
N THR A 101 -3.35 -20.51 -11.77
CA THR A 101 -2.63 -20.77 -13.01
C THR A 101 -1.96 -19.52 -13.60
N THR A 102 -1.87 -18.43 -12.84
CA THR A 102 -1.28 -17.19 -13.35
C THR A 102 0.12 -17.40 -13.92
N SER A 103 0.34 -16.96 -15.15
CA SER A 103 1.63 -17.12 -15.80
C SER A 103 2.11 -15.78 -16.34
N GLY A 104 3.38 -15.71 -16.71
CA GLY A 104 3.94 -14.47 -17.20
C GLY A 104 4.26 -13.44 -16.13
N VAL A 105 4.51 -13.88 -14.90
CA VAL A 105 4.78 -12.98 -13.79
C VAL A 105 6.27 -12.93 -13.50
N ASP A 106 6.75 -11.74 -13.10
CA ASP A 106 8.16 -11.50 -12.84
C ASP A 106 8.60 -12.08 -11.50
N ALA A 107 9.92 -12.28 -11.39
CA ALA A 107 10.48 -12.97 -10.22
C ALA A 107 10.25 -12.18 -8.93
N GLU A 108 10.22 -10.84 -9.01
CA GLU A 108 9.97 -10.02 -7.83
C GLU A 108 8.65 -10.36 -7.16
N ILE A 109 7.71 -10.95 -7.89
CA ILE A 109 6.39 -11.28 -7.39
C ILE A 109 6.26 -12.77 -7.08
N THR A 110 6.72 -13.64 -8.00
CA THR A 110 6.53 -15.08 -7.80
C THR A 110 7.48 -15.63 -6.74
N THR A 111 8.63 -14.99 -6.57
CA THR A 111 9.70 -15.67 -5.84
C THR A 111 10.28 -14.85 -4.71
N THR A 112 10.62 -13.59 -4.97
CA THR A 112 11.31 -12.81 -3.96
C THR A 112 10.37 -12.44 -2.82
N ALA A 113 10.83 -12.58 -1.59
CA ALA A 113 10.13 -12.05 -0.44
C ALA A 113 10.82 -10.77 0.02
N GLY A 114 10.04 -9.71 0.19
CA GLY A 114 10.59 -8.43 0.60
C GLY A 114 9.56 -7.33 0.69
N PRO A 115 10.00 -6.13 1.09
CA PRO A 115 9.06 -5.02 1.32
C PRO A 115 8.37 -4.56 0.04
N GLN A 116 7.17 -4.00 0.21
CA GLN A 116 6.38 -3.42 -0.87
C GLN A 116 5.97 -2.01 -0.47
N LEU A 117 6.40 -1.03 -1.25
CA LEU A 117 6.22 0.38 -0.91
C LEU A 117 5.02 0.93 -1.66
N VAL A 118 4.20 1.73 -0.99
CA VAL A 118 3.03 2.35 -1.61
C VAL A 118 3.19 3.86 -1.54
N VAL A 119 2.95 4.55 -2.66
CA VAL A 119 3.24 5.98 -2.78
C VAL A 119 2.17 6.64 -3.66
N PRO A 120 1.80 7.89 -3.35
CA PRO A 120 0.80 8.62 -4.16
C PRO A 120 1.36 8.99 -5.53
N VAL A 121 0.68 8.54 -6.58
CA VAL A 121 1.20 8.74 -7.93
C VAL A 121 1.12 10.20 -8.35
N LEU A 122 0.26 11.01 -7.70
CA LEU A 122 0.19 12.42 -8.04
C LEU A 122 1.37 13.24 -7.53
N ASN A 123 2.23 12.69 -6.67
CA ASN A 123 3.45 13.37 -6.22
C ASN A 123 4.64 12.80 -6.99
N ALA A 124 5.13 13.55 -7.98
CA ALA A 124 6.16 13.00 -8.87
C ALA A 124 7.45 12.74 -8.12
N ARG A 125 7.83 13.63 -7.20
CA ARG A 125 9.05 13.42 -6.42
C ARG A 125 8.97 12.15 -5.59
N PHE A 126 7.86 11.94 -4.88
CA PHE A 126 7.71 10.74 -4.08
C PHE A 126 7.70 9.48 -4.96
N ALA A 127 7.01 9.53 -6.10
CA ALA A 127 6.95 8.37 -6.98
C ALA A 127 8.32 8.02 -7.51
N LEU A 128 9.11 9.03 -7.90
CA LEU A 128 10.47 8.80 -8.36
C LEU A 128 11.31 8.13 -7.26
N ASN A 129 11.33 8.74 -6.07
CA ASN A 129 12.05 8.16 -4.94
C ASN A 129 11.63 6.72 -4.67
N ALA A 130 10.35 6.43 -4.88
CA ALA A 130 9.84 5.09 -4.59
C ALA A 130 10.36 4.09 -5.62
N ALA A 131 10.30 4.44 -6.90
CA ALA A 131 10.86 3.60 -7.94
C ALA A 131 12.35 3.36 -7.74
N ASN A 132 13.08 4.37 -7.25
CA ASN A 132 14.51 4.23 -6.98
C ASN A 132 14.81 3.54 -5.65
N ALA A 133 13.79 3.26 -4.84
CA ALA A 133 13.98 2.66 -3.52
C ALA A 133 14.27 1.16 -3.55
N ARG A 134 14.44 0.57 -4.73
CA ARG A 134 14.88 -0.82 -4.81
C ARG A 134 16.18 -1.06 -4.05
N TRP A 135 17.01 -0.02 -3.94
CA TRP A 135 18.24 -0.03 -3.15
C TRP A 135 18.25 1.18 -2.23
N GLY A 136 18.72 0.97 -1.01
CA GLY A 136 18.70 2.03 0.00
C GLY A 136 19.82 1.83 0.99
N SER A 137 20.29 2.94 1.54
CA SER A 137 21.41 2.95 2.47
C SER A 137 20.95 2.52 3.85
N LEU A 138 21.52 1.42 4.37
CA LEU A 138 21.19 1.04 5.73
C LEU A 138 21.75 2.04 6.74
N TYR A 139 22.96 2.56 6.50
CA TYR A 139 23.53 3.52 7.45
C TYR A 139 22.65 4.76 7.55
N ASP A 140 22.12 5.23 6.41
CA ASP A 140 21.27 6.42 6.44
C ASP A 140 19.96 6.13 7.17
N ALA A 141 19.42 4.91 7.01
CA ALA A 141 18.18 4.54 7.69
C ALA A 141 18.39 4.36 9.19
N LEU A 142 19.57 3.89 9.60
CA LEU A 142 19.84 3.74 11.03
C LEU A 142 20.20 5.08 11.66
N TYR A 143 21.14 5.82 11.03
CA TYR A 143 21.55 7.12 11.58
C TYR A 143 20.37 8.08 11.65
N GLY A 144 19.53 8.09 10.63
CA GLY A 144 18.46 9.08 10.52
C GLY A 144 17.19 8.80 11.29
N THR A 145 17.01 7.61 11.86
CA THR A 145 15.75 7.28 12.54
C THR A 145 16.04 6.96 14.00
N ASP A 146 14.98 6.65 14.75
CA ASP A 146 15.17 6.29 16.15
C ASP A 146 15.53 4.83 16.34
N VAL A 147 15.82 4.08 15.27
CA VAL A 147 16.31 2.71 15.46
C VAL A 147 17.59 2.69 16.28
N ILE A 148 18.46 3.68 16.06
CA ILE A 148 19.54 3.98 16.99
C ILE A 148 19.01 5.04 17.97
N PRO A 149 18.78 4.70 19.23
CA PRO A 149 18.19 5.68 20.15
C PRO A 149 19.06 6.91 20.27
N GLU A 150 18.43 8.08 20.41
CA GLU A 150 19.18 9.31 20.64
C GLU A 150 19.49 9.50 22.12
N THR A 151 20.13 8.50 22.71
CA THR A 151 20.58 8.57 24.08
C THR A 151 21.69 9.60 24.23
N ASP A 152 21.98 9.94 25.49
CA ASP A 152 23.03 10.90 25.80
C ASP A 152 24.31 10.56 25.03
N GLY A 153 24.85 11.57 24.35
CA GLY A 153 26.03 11.39 23.53
C GLY A 153 25.79 10.88 22.13
N ALA A 154 24.63 10.26 21.87
CA ALA A 154 24.34 9.66 20.57
C ALA A 154 23.31 10.45 19.77
N GLU A 155 23.06 11.70 20.13
CA GLU A 155 22.02 12.48 19.47
C GLU A 155 22.45 12.89 18.07
N LYS A 156 21.46 13.15 17.23
CA LYS A 156 21.70 13.80 15.94
C LYS A 156 21.94 15.29 16.18
N GLY A 157 22.85 15.84 15.40
CA GLY A 157 23.16 17.25 15.50
C GLY A 157 23.25 17.88 14.13
N PRO A 158 23.80 19.08 14.05
CA PRO A 158 24.02 19.70 12.74
C PRO A 158 24.98 18.92 11.87
N THR A 159 25.95 18.26 12.49
CA THR A 159 27.01 17.54 11.80
C THR A 159 27.14 16.14 12.39
N TYR A 160 27.98 15.34 11.73
CA TYR A 160 28.14 13.93 12.07
C TYR A 160 28.56 13.74 13.53
N ASN A 161 27.86 12.84 14.20
CA ASN A 161 28.14 12.45 15.58
C ASN A 161 28.78 11.07 15.55
N LYS A 162 30.09 11.01 15.81
CA LYS A 162 30.83 9.76 15.71
C LYS A 162 30.32 8.72 16.70
N VAL A 163 29.93 9.15 17.90
CA VAL A 163 29.34 8.21 18.86
C VAL A 163 28.13 7.54 18.24
N ARG A 164 27.25 8.33 17.62
CA ARG A 164 26.09 7.77 16.95
C ARG A 164 26.49 6.92 15.74
N GLY A 165 27.42 7.44 14.92
CA GLY A 165 27.86 6.67 13.76
C GLY A 165 28.44 5.32 14.12
N ASP A 166 29.25 5.27 15.19
CA ASP A 166 29.81 4.01 15.65
C ASP A 166 28.72 3.03 16.06
N LYS A 167 27.60 3.52 16.60
CA LYS A 167 26.47 2.63 16.89
C LYS A 167 25.85 2.12 15.60
N VAL A 168 25.72 2.97 14.59
CA VAL A 168 25.21 2.54 13.30
C VAL A 168 26.09 1.43 12.74
N ILE A 169 27.41 1.65 12.75
CA ILE A 169 28.36 0.66 12.24
C ILE A 169 28.18 -0.67 12.97
N ALA A 170 28.10 -0.65 14.30
CA ALA A 170 28.01 -1.89 15.05
C ALA A 170 26.68 -2.61 14.81
N TYR A 171 25.58 -1.85 14.71
CA TYR A 171 24.31 -2.44 14.36
C TYR A 171 24.40 -3.20 13.04
N ALA A 172 25.03 -2.59 12.03
CA ALA A 172 25.13 -3.23 10.73
C ALA A 172 26.08 -4.42 10.74
N ARG A 173 27.14 -4.38 11.55
CA ARG A 173 28.02 -5.55 11.65
C ARG A 173 27.27 -6.73 12.24
N LYS A 174 26.44 -6.50 13.26
CA LYS A 174 25.63 -7.58 13.81
C LYS A 174 24.67 -8.13 12.77
N PHE A 175 24.04 -7.25 11.99
CA PHE A 175 23.18 -7.69 10.89
C PHE A 175 23.92 -8.63 9.95
N LEU A 176 25.13 -8.26 9.53
CA LEU A 176 25.90 -9.12 8.64
C LEU A 176 26.21 -10.46 9.30
N ASP A 177 26.66 -10.42 10.55
CA ASP A 177 26.91 -11.67 11.28
C ASP A 177 25.67 -12.56 11.30
N ASP A 178 24.48 -11.97 11.52
CA ASP A 178 23.26 -12.76 11.60
C ASP A 178 22.77 -13.23 10.24
N SER A 179 23.13 -12.56 9.15
CA SER A 179 22.57 -12.84 7.83
C SER A 179 23.49 -13.65 6.94
N VAL A 180 24.79 -13.35 6.95
CA VAL A 180 25.76 -13.97 6.07
C VAL A 180 26.96 -14.35 6.94
N PRO A 181 26.83 -15.35 7.81
CA PRO A 181 27.85 -15.57 8.83
C PRO A 181 29.18 -16.01 8.24
N LEU A 182 30.25 -15.61 8.92
CA LEU A 182 31.57 -16.12 8.62
C LEU A 182 31.75 -17.53 9.19
N SER A 183 32.68 -18.29 8.59
CA SER A 183 33.03 -19.61 9.12
C SER A 183 33.54 -19.50 10.54
N SER A 184 34.35 -18.47 10.81
CA SER A 184 34.75 -18.15 12.17
C SER A 184 34.87 -16.64 12.29
N GLY A 185 34.74 -16.16 13.52
CA GLY A 185 34.90 -14.74 13.77
C GLY A 185 33.69 -13.94 13.35
N SER A 186 33.82 -12.63 13.50
CA SER A 186 32.70 -11.71 13.32
C SER A 186 33.11 -10.60 12.35
N PHE A 187 32.16 -10.16 11.53
CA PHE A 187 32.40 -8.99 10.69
C PHE A 187 32.90 -7.79 11.50
N GLY A 188 32.51 -7.72 12.79
CA GLY A 188 32.95 -6.62 13.63
C GLY A 188 34.46 -6.50 13.72
N ASP A 189 35.18 -7.60 13.51
CA ASP A 189 36.64 -7.61 13.60
C ASP A 189 37.32 -7.64 12.23
N ALA A 190 36.55 -7.51 11.14
CA ALA A 190 37.17 -7.57 9.82
C ALA A 190 38.11 -6.39 9.60
N THR A 191 39.20 -6.64 8.89
CA THR A 191 40.13 -5.59 8.46
C THR A 191 40.17 -5.43 6.96
N GLY A 192 39.59 -6.33 6.18
CA GLY A 192 39.61 -6.20 4.74
C GLY A 192 38.85 -7.32 4.07
N PHE A 193 38.49 -7.07 2.81
CA PHE A 193 37.78 -8.02 1.97
C PHE A 193 38.53 -8.18 0.66
N THR A 194 38.71 -9.43 0.22
CA THR A 194 39.29 -9.69 -1.09
C THR A 194 38.59 -10.88 -1.72
N VAL A 195 38.78 -11.02 -3.03
CA VAL A 195 38.24 -12.14 -3.79
C VAL A 195 39.41 -12.94 -4.32
N GLN A 196 39.47 -14.22 -3.95
CA GLN A 196 40.55 -15.10 -4.37
C GLN A 196 39.97 -16.40 -4.87
N ASP A 197 40.29 -16.76 -6.11
CA ASP A 197 39.79 -17.98 -6.73
C ASP A 197 38.27 -18.04 -6.73
N GLY A 198 37.64 -16.87 -6.89
CA GLY A 198 36.19 -16.79 -6.90
C GLY A 198 35.52 -16.92 -5.56
N GLN A 199 36.27 -16.86 -4.46
CA GLN A 199 35.73 -16.97 -3.11
C GLN A 199 35.96 -15.68 -2.37
N LEU A 200 34.99 -15.25 -1.58
CA LEU A 200 35.18 -14.10 -0.72
C LEU A 200 36.09 -14.47 0.46
N VAL A 201 37.11 -13.64 0.71
CA VAL A 201 38.01 -13.84 1.84
C VAL A 201 37.96 -12.60 2.71
N VAL A 202 37.61 -12.79 3.99
CA VAL A 202 37.51 -11.72 4.97
C VAL A 202 38.71 -11.80 5.91
N ALA A 203 39.51 -10.73 5.95
CA ALA A 203 40.67 -10.68 6.80
C ALA A 203 40.27 -10.30 8.22
N LEU A 204 40.70 -11.09 9.19
CA LEU A 204 40.54 -10.83 10.60
C LEU A 204 41.91 -10.47 11.17
N PRO A 205 41.97 -10.02 12.45
CA PRO A 205 43.27 -9.58 12.98
C PRO A 205 44.35 -10.65 12.94
N ASP A 206 44.01 -11.91 13.24
CA ASP A 206 44.99 -12.97 13.39
C ASP A 206 44.88 -14.05 12.33
N LYS A 207 43.94 -13.94 11.40
CA LYS A 207 43.72 -14.98 10.40
C LYS A 207 42.75 -14.42 9.37
N SER A 208 42.38 -15.26 8.41
CA SER A 208 41.37 -14.93 7.43
C SER A 208 40.31 -16.01 7.41
N THR A 209 39.13 -15.67 6.89
CA THR A 209 38.06 -16.64 6.90
C THR A 209 37.18 -16.41 5.69
N GLY A 210 36.38 -17.42 5.38
CA GLY A 210 35.39 -17.34 4.32
C GLY A 210 33.99 -17.34 4.91
N LEU A 211 33.01 -17.29 4.01
CA LEU A 211 31.63 -17.38 4.44
C LEU A 211 31.30 -18.81 4.86
N ALA A 212 30.53 -18.94 5.96
CA ALA A 212 30.03 -20.25 6.34
C ALA A 212 29.31 -20.90 5.18
N ASN A 213 28.57 -20.10 4.40
CA ASN A 213 27.90 -20.53 3.18
C ASN A 213 28.45 -19.72 2.01
N PRO A 214 29.50 -20.21 1.33
CA PRO A 214 30.10 -19.42 0.25
C PRO A 214 29.16 -19.11 -0.90
N GLY A 215 28.06 -19.85 -1.02
CA GLY A 215 27.04 -19.52 -2.02
C GLY A 215 26.36 -18.19 -1.79
N GLN A 216 26.52 -17.59 -0.61
CA GLN A 216 25.96 -16.26 -0.37
C GLN A 216 26.81 -15.15 -0.96
N PHE A 217 28.01 -15.46 -1.46
CA PHE A 217 28.84 -14.48 -2.18
C PHE A 217 28.25 -14.32 -3.58
N ALA A 218 27.74 -13.13 -3.89
CA ALA A 218 27.11 -12.90 -5.19
C ALA A 218 27.99 -12.16 -6.18
N GLY A 219 28.96 -11.37 -5.73
CA GLY A 219 29.80 -10.64 -6.65
C GLY A 219 30.50 -9.48 -5.97
N TYR A 220 31.04 -8.59 -6.79
CA TYR A 220 31.82 -7.47 -6.27
C TYR A 220 31.99 -6.45 -7.38
N THR A 221 32.49 -5.27 -7.00
CA THR A 221 32.92 -4.23 -7.92
C THR A 221 34.38 -3.90 -7.64
N GLY A 222 35.07 -3.35 -8.65
CA GLY A 222 36.47 -2.99 -8.47
C GLY A 222 37.40 -4.20 -8.54
N ALA A 223 38.66 -3.96 -8.19
CA ALA A 223 39.67 -5.01 -8.31
C ALA A 223 39.43 -6.10 -7.28
N ALA A 224 39.57 -7.36 -7.71
CA ALA A 224 39.37 -8.49 -6.80
C ALA A 224 40.26 -8.39 -5.56
N GLU A 225 41.46 -7.85 -5.72
CA GLU A 225 42.43 -7.80 -4.63
C GLU A 225 42.31 -6.56 -3.76
N SER A 226 41.47 -5.59 -4.13
CA SER A 226 41.07 -4.50 -3.25
C SER A 226 39.75 -3.94 -3.77
N PRO A 227 38.64 -4.63 -3.51
CA PRO A 227 37.37 -4.26 -4.13
C PRO A 227 36.82 -2.96 -3.59
N THR A 228 36.01 -2.30 -4.42
CA THR A 228 35.26 -1.13 -3.97
C THR A 228 33.93 -1.52 -3.34
N SER A 229 33.46 -2.76 -3.58
CA SER A 229 32.30 -3.26 -2.86
C SER A 229 32.26 -4.78 -2.99
N VAL A 230 31.52 -5.39 -2.07
CA VAL A 230 31.27 -6.82 -2.06
C VAL A 230 29.77 -7.05 -1.99
N LEU A 231 29.25 -7.90 -2.86
CA LEU A 231 27.81 -8.16 -2.97
C LEU A 231 27.50 -9.54 -2.41
N LEU A 232 26.57 -9.59 -1.47
CA LEU A 232 26.12 -10.84 -0.86
C LEU A 232 24.63 -11.02 -1.15
N ILE A 233 24.15 -12.25 -0.98
CA ILE A 233 22.72 -12.54 -1.12
C ILE A 233 22.29 -13.45 0.03
N ASN A 234 21.10 -13.18 0.56
CA ASN A 234 20.54 -13.98 1.63
C ASN A 234 19.02 -13.96 1.50
N HIS A 235 18.40 -15.14 1.54
CA HIS A 235 16.95 -15.28 1.32
C HIS A 235 16.51 -14.54 0.05
N GLY A 236 17.38 -14.57 -0.97
CA GLY A 236 17.05 -13.96 -2.25
C GLY A 236 17.21 -12.45 -2.33
N LEU A 237 17.67 -11.80 -1.26
CA LEU A 237 17.81 -10.34 -1.23
C LEU A 237 19.29 -9.97 -1.15
N HIS A 238 19.67 -8.91 -1.87
CA HIS A 238 21.07 -8.57 -1.97
C HIS A 238 21.48 -7.60 -0.88
N ILE A 239 22.73 -7.73 -0.45
CA ILE A 239 23.38 -6.87 0.52
C ILE A 239 24.69 -6.43 -0.11
N GLU A 240 24.98 -5.13 -0.11
CA GLU A 240 26.22 -4.64 -0.69
C GLU A 240 27.01 -3.88 0.36
N ILE A 241 28.20 -4.38 0.67
CA ILE A 241 29.15 -3.69 1.54
C ILE A 241 29.98 -2.77 0.67
N LEU A 242 29.87 -1.46 0.90
CA LEU A 242 30.67 -0.48 0.16
C LEU A 242 31.96 -0.20 0.91
N ILE A 243 33.09 -0.25 0.19
CA ILE A 243 34.41 -0.14 0.79
C ILE A 243 35.08 1.13 0.27
N ASP A 244 35.29 2.10 1.15
CA ASP A 244 36.01 3.32 0.80
C ASP A 244 36.69 3.86 2.04
N PRO A 245 37.95 3.50 2.27
CA PRO A 245 38.64 3.95 3.49
C PRO A 245 38.83 5.45 3.55
N GLU A 246 38.75 6.14 2.42
CA GLU A 246 38.91 7.58 2.41
C GLU A 246 37.59 8.32 2.45
N SER A 247 36.48 7.63 2.69
CA SER A 247 35.23 8.35 2.84
C SER A 247 35.06 8.81 4.29
N GLN A 248 34.05 9.66 4.51
CA GLN A 248 33.87 10.27 5.82
C GLN A 248 33.57 9.21 6.89
N VAL A 249 32.72 8.23 6.58
CA VAL A 249 32.50 7.13 7.50
C VAL A 249 33.61 6.09 7.37
N GLY A 250 34.08 5.84 6.15
CA GLY A 250 35.08 4.79 5.94
C GLY A 250 36.35 5.01 6.73
N THR A 251 36.81 6.27 6.88
CA THR A 251 38.03 6.53 7.64
CA THR A 251 38.03 6.54 7.65
C THR A 251 37.92 6.10 9.10
N THR A 252 36.71 6.01 9.64
CA THR A 252 36.54 5.59 11.03
C THR A 252 36.34 4.09 11.18
N ASP A 253 36.30 3.34 10.09
CA ASP A 253 35.89 1.94 10.13
C ASP A 253 37.11 1.03 10.02
N ARG A 254 37.07 -0.09 10.76
CA ARG A 254 38.24 -0.95 10.87
C ARG A 254 38.59 -1.62 9.55
N ALA A 255 37.64 -1.72 8.61
CA ALA A 255 37.89 -2.29 7.29
C ALA A 255 37.67 -1.27 6.18
N GLY A 256 37.52 0.00 6.52
CA GLY A 256 37.25 1.01 5.52
C GLY A 256 35.86 0.96 4.95
N VAL A 257 34.91 0.29 5.62
CA VAL A 257 33.55 0.18 5.08
C VAL A 257 32.85 1.54 5.18
N LYS A 258 32.24 1.95 4.07
CA LYS A 258 31.56 3.22 3.94
C LYS A 258 30.07 3.12 4.23
N ASP A 259 29.43 2.00 3.88
CA ASP A 259 27.99 1.85 3.98
C ASP A 259 27.62 0.41 3.71
N VAL A 260 26.40 0.06 4.06
CA VAL A 260 25.80 -1.22 3.70
C VAL A 260 24.49 -0.90 2.98
N ILE A 261 24.40 -1.28 1.71
CA ILE A 261 23.24 -1.03 0.88
C ILE A 261 22.41 -2.29 0.87
N LEU A 262 21.12 -2.15 1.16
CA LEU A 262 20.18 -3.26 1.15
C LEU A 262 19.24 -3.12 -0.04
N GLU A 263 19.05 -4.20 -0.78
CA GLU A 263 17.90 -4.30 -1.66
C GLU A 263 16.65 -4.18 -0.81
N SER A 264 15.85 -3.14 -1.09
CA SER A 264 14.86 -2.68 -0.13
C SER A 264 13.43 -2.81 -0.67
N ALA A 265 12.96 -1.83 -1.44
CA ALA A 265 11.61 -1.89 -2.00
C ALA A 265 11.65 -2.75 -3.26
N ILE A 266 11.33 -4.03 -3.11
CA ILE A 266 11.39 -4.96 -4.24
C ILE A 266 10.36 -4.56 -5.28
N THR A 267 9.16 -4.18 -4.83
CA THR A 267 8.08 -3.72 -5.67
C THR A 267 7.50 -2.46 -5.05
N THR A 268 6.86 -1.65 -5.90
CA THR A 268 6.22 -0.42 -5.46
C THR A 268 4.83 -0.32 -6.09
N ILE A 269 3.87 0.17 -5.30
CA ILE A 269 2.50 0.38 -5.78
C ILE A 269 2.31 1.88 -5.98
N MET A 270 2.15 2.27 -7.25
CA MET A 270 1.87 3.66 -7.63
C MET A 270 0.37 3.89 -7.50
N ASP A 271 -0.04 4.69 -6.51
CA ASP A 271 -1.40 4.66 -6.01
C ASP A 271 -2.25 5.74 -6.68
N PHE A 272 -3.35 5.34 -7.34
CA PHE A 272 -4.40 6.27 -7.76
C PHE A 272 -5.56 6.32 -6.79
N GLU A 273 -5.52 5.51 -5.73
CA GLU A 273 -6.68 5.37 -4.86
C GLU A 273 -6.52 6.13 -3.54
N ASP A 274 -6.35 5.43 -2.41
CA ASP A 274 -6.66 6.07 -1.14
C ASP A 274 -5.61 7.10 -0.68
N SER A 275 -4.46 7.17 -1.33
CA SER A 275 -3.45 8.14 -0.92
C SER A 275 -3.40 9.37 -1.82
N VAL A 276 -4.31 9.52 -2.80
CA VAL A 276 -4.34 10.71 -3.64
C VAL A 276 -5.74 11.32 -3.65
N ALA A 277 -5.79 12.63 -3.92
CA ALA A 277 -7.05 13.36 -4.07
C ALA A 277 -7.18 13.74 -5.54
N ALA A 278 -8.12 13.12 -6.25
CA ALA A 278 -8.26 13.37 -7.69
C ALA A 278 -9.74 13.37 -8.01
N VAL A 279 -10.31 14.56 -8.24
CA VAL A 279 -11.76 14.70 -8.27
C VAL A 279 -12.28 15.17 -9.62
N ASP A 280 -11.42 15.32 -10.61
CA ASP A 280 -11.83 15.80 -11.93
C ASP A 280 -10.74 15.41 -12.93
N ALA A 281 -10.95 15.79 -14.19
CA ALA A 281 -10.03 15.41 -15.26
C ALA A 281 -8.64 16.02 -15.07
N ALA A 282 -8.56 17.26 -14.60
CA ALA A 282 -7.26 17.86 -14.39
C ALA A 282 -6.42 17.05 -13.40
N ASP A 283 -7.04 16.62 -12.28
CA ASP A 283 -6.32 15.80 -11.30
C ASP A 283 -5.95 14.43 -11.86
N LYS A 284 -6.87 13.79 -12.58
CA LYS A 284 -6.58 12.47 -13.13
C LYS A 284 -5.42 12.53 -14.13
N VAL A 285 -5.39 13.57 -14.96
CA VAL A 285 -4.31 13.74 -15.94
C VAL A 285 -2.97 13.96 -15.24
N LEU A 286 -2.97 14.70 -14.12
CA LEU A 286 -1.72 14.86 -13.38
C LEU A 286 -1.16 13.51 -12.95
N GLY A 287 -2.05 12.63 -12.49
CA GLY A 287 -1.60 11.31 -12.06
C GLY A 287 -1.27 10.39 -13.23
N TYR A 288 -2.12 10.37 -14.26
CA TYR A 288 -1.84 9.57 -15.44
C TYR A 288 -0.51 9.97 -16.07
N ARG A 289 -0.20 11.27 -16.09
CA ARG A 289 1.07 11.71 -16.68
C ARG A 289 2.27 11.24 -15.87
N ASN A 290 2.15 11.21 -14.53
CA ASN A 290 3.24 10.68 -13.72
C ASN A 290 3.40 9.17 -13.97
N TRP A 291 2.29 8.43 -13.98
CA TRP A 291 2.32 7.00 -14.32
C TRP A 291 2.94 6.79 -15.70
N LEU A 292 2.67 7.69 -16.64
CA LEU A 292 3.26 7.59 -17.97
C LEU A 292 4.76 7.83 -17.94
N GLY A 293 5.20 8.88 -17.24
CA GLY A 293 6.63 9.13 -17.09
C GLY A 293 7.36 7.96 -16.47
N LEU A 294 6.76 7.32 -15.45
CA LEU A 294 7.39 6.17 -14.82
C LEU A 294 7.53 5.00 -15.80
N ASN A 295 6.50 4.74 -16.60
CA ASN A 295 6.57 3.62 -17.52
C ASN A 295 7.43 3.92 -18.75
N LYS A 296 7.59 5.19 -19.11
CA LYS A 296 8.52 5.55 -20.19
C LYS A 296 9.94 5.78 -19.70
N GLY A 297 10.14 5.89 -18.39
CA GLY A 297 11.46 6.08 -17.83
C GLY A 297 11.97 7.49 -17.85
N ASP A 298 11.14 8.44 -18.27
CA ASP A 298 11.59 9.82 -18.47
C ASP A 298 10.96 10.78 -17.48
N LEU A 299 10.31 10.28 -16.43
CA LEU A 299 9.80 11.15 -15.39
C LEU A 299 10.98 11.86 -14.73
N ALA A 300 10.84 13.17 -14.56
CA ALA A 300 11.88 13.98 -13.96
C ALA A 300 11.23 15.08 -13.15
N ALA A 301 11.60 15.16 -11.87
CA ALA A 301 11.10 16.20 -10.99
C ALA A 301 12.25 17.07 -10.51
N ARG A 312 15.68 15.49 -10.66
CA ARG A 312 15.68 14.10 -10.18
C ARG A 312 15.11 13.12 -11.21
N VAL A 313 15.80 12.01 -11.45
CA VAL A 313 15.44 11.06 -12.51
C VAL A 313 15.47 9.63 -11.97
N LEU A 314 15.06 8.70 -12.83
CA LEU A 314 15.02 7.28 -12.49
C LEU A 314 16.38 6.64 -12.68
N ASN A 315 16.69 5.67 -11.81
CA ASN A 315 18.01 5.07 -11.75
C ASN A 315 18.22 4.01 -12.83
N ARG A 316 19.49 3.81 -13.18
CA ARG A 316 19.89 2.75 -14.08
C ARG A 316 20.07 1.45 -13.32
N ASP A 317 20.25 0.35 -14.06
CA ASP A 317 20.58 -0.93 -13.44
C ASP A 317 22.00 -0.90 -12.91
N ARG A 318 22.28 -1.81 -11.97
CA ARG A 318 23.55 -1.82 -11.25
C ARG A 318 24.47 -2.89 -11.84
N ASN A 319 25.73 -2.53 -12.08
CA ASN A 319 26.68 -3.44 -12.72
C ASN A 319 27.59 -4.09 -11.71
N TYR A 320 27.79 -5.41 -11.83
CA TYR A 320 28.61 -6.18 -10.91
C TYR A 320 29.55 -7.11 -11.66
N THR A 321 30.62 -7.51 -10.97
CA THR A 321 31.48 -8.61 -11.37
C THR A 321 31.06 -9.87 -10.63
N ALA A 322 30.91 -10.97 -11.35
CA ALA A 322 30.55 -12.23 -10.72
C ALA A 322 31.74 -12.77 -9.92
N PRO A 323 31.50 -13.70 -8.99
CA PRO A 323 32.62 -14.28 -8.23
C PRO A 323 33.75 -14.79 -9.11
N GLY A 324 33.42 -15.60 -10.13
CA GLY A 324 34.39 -16.11 -11.07
C GLY A 324 35.03 -15.06 -11.95
N GLY A 325 34.40 -13.89 -12.08
CA GLY A 325 34.99 -12.80 -12.84
C GLY A 325 34.19 -12.31 -14.04
N GLY A 326 33.10 -12.97 -14.42
CA GLY A 326 32.23 -12.45 -15.47
C GLY A 326 31.50 -11.20 -15.01
N GLN A 327 30.66 -10.66 -15.92
CA GLN A 327 29.86 -9.47 -15.65
C GLN A 327 28.38 -9.83 -15.54
N PHE A 328 27.64 -9.08 -14.72
CA PHE A 328 26.18 -9.17 -14.72
C PHE A 328 25.59 -7.87 -14.21
N THR A 329 24.27 -7.77 -14.32
CA THR A 329 23.55 -6.60 -13.84
C THR A 329 22.40 -7.04 -12.95
N LEU A 330 21.97 -6.11 -12.09
CA LEU A 330 20.78 -6.26 -11.27
C LEU A 330 19.89 -5.04 -11.45
N PRO A 331 18.57 -5.21 -11.37
CA PRO A 331 17.67 -4.08 -11.60
C PRO A 331 17.89 -2.96 -10.60
N GLY A 332 17.85 -1.74 -11.11
CA GLY A 332 18.00 -0.58 -10.25
C GLY A 332 16.71 0.02 -9.74
N ARG A 333 15.55 -0.44 -10.21
CA ARG A 333 14.28 0.15 -9.87
C ARG A 333 13.35 -0.90 -9.28
N SER A 334 12.40 -0.48 -8.46
CA SER A 334 11.40 -1.41 -7.96
C SER A 334 10.43 -1.76 -9.08
N LEU A 335 10.00 -3.02 -9.13
CA LEU A 335 8.94 -3.40 -10.05
C LEU A 335 7.63 -2.73 -9.65
N MET A 336 6.95 -2.08 -10.61
CA MET A 336 5.82 -1.22 -10.31
C MET A 336 4.46 -1.91 -10.52
N PHE A 337 3.62 -1.83 -9.50
CA PHE A 337 2.18 -2.02 -9.64
C PHE A 337 1.50 -0.65 -9.81
N VAL A 338 0.24 -0.66 -10.21
CA VAL A 338 -0.59 0.54 -10.14
C VAL A 338 -1.87 0.17 -9.41
N ARG A 339 -2.26 0.97 -8.42
CA ARG A 339 -3.51 0.70 -7.73
C ARG A 339 -4.57 1.58 -8.37
N ASN A 340 -5.49 0.95 -9.12
CA ASN A 340 -6.66 1.64 -9.66
C ASN A 340 -7.65 1.92 -8.52
N VAL A 341 -8.63 2.80 -8.78
CA VAL A 341 -9.74 2.91 -7.83
C VAL A 341 -10.67 1.71 -7.98
N GLY A 342 -11.50 1.48 -6.98
CA GLY A 342 -12.42 0.35 -6.94
C GLY A 342 -13.72 0.65 -7.68
N HIS A 343 -14.74 -0.17 -7.39
CA HIS A 343 -15.96 -0.16 -8.18
C HIS A 343 -16.91 1.00 -7.85
N LEU A 344 -16.69 1.75 -6.77
CA LEU A 344 -17.76 2.65 -6.28
C LEU A 344 -17.90 3.92 -7.12
N MET A 345 -16.82 4.68 -7.29
CA MET A 345 -16.95 6.09 -7.61
C MET A 345 -17.10 6.33 -9.11
N THR A 346 -17.80 7.41 -9.44
CA THR A 346 -17.76 7.99 -10.77
C THR A 346 -16.93 9.27 -10.74
N ASN A 347 -16.65 9.80 -11.93
CA ASN A 347 -15.81 10.98 -12.06
C ASN A 347 -16.25 11.75 -13.30
N ASP A 348 -16.40 13.08 -13.18
CA ASP A 348 -16.94 13.82 -14.32
C ASP A 348 -15.90 14.07 -15.41
N ALA A 349 -14.71 13.47 -15.31
CA ALA A 349 -13.75 13.51 -16.41
C ALA A 349 -14.37 13.01 -17.70
N ILE A 350 -15.32 12.08 -17.61
CA ILE A 350 -16.16 11.70 -18.74
C ILE A 350 -17.60 11.67 -18.23
N VAL A 351 -18.51 12.26 -19.00
CA VAL A 351 -19.94 12.18 -18.74
C VAL A 351 -20.62 11.66 -19.99
N ASP A 352 -21.82 11.10 -19.82
CA ASP A 352 -22.56 10.61 -20.98
C ASP A 352 -23.51 11.72 -21.46
N THR A 353 -24.37 11.39 -22.44
CA THR A 353 -25.25 12.37 -23.03
C THR A 353 -26.32 12.87 -22.07
N ASP A 354 -26.58 12.14 -20.98
CA ASP A 354 -27.49 12.60 -19.93
C ASP A 354 -26.78 13.48 -18.91
N GLY A 355 -25.46 13.67 -19.03
CA GLY A 355 -24.71 14.30 -17.98
C GLY A 355 -24.28 13.39 -16.85
N SER A 356 -24.56 12.09 -16.94
CA SER A 356 -24.15 11.16 -15.90
C SER A 356 -22.64 10.90 -15.96
N GLU A 357 -21.99 10.95 -14.80
CA GLU A 357 -20.55 10.66 -14.72
C GLU A 357 -20.29 9.18 -14.98
N VAL A 358 -19.10 8.89 -15.53
CA VAL A 358 -18.67 7.53 -15.88
C VAL A 358 -17.95 6.91 -14.69
N PHE A 359 -18.08 5.59 -14.52
CA PHE A 359 -17.41 4.90 -13.42
C PHE A 359 -15.89 5.06 -13.51
N GLU A 360 -15.28 5.47 -12.41
CA GLU A 360 -13.84 5.77 -12.42
C GLU A 360 -12.99 4.50 -12.53
N GLY A 361 -13.43 3.39 -11.93
CA GLY A 361 -12.65 2.18 -12.03
C GLY A 361 -12.53 1.66 -13.45
N ILE A 362 -13.62 1.77 -14.21
CA ILE A 362 -13.58 1.40 -15.63
C ILE A 362 -12.58 2.27 -16.37
N MET A 363 -12.61 3.59 -16.13
CA MET A 363 -11.68 4.50 -16.79
C MET A 363 -10.24 4.18 -16.41
N ASP A 364 -9.98 3.93 -15.12
CA ASP A 364 -8.61 3.62 -14.70
C ASP A 364 -8.08 2.37 -15.39
N ALA A 365 -8.92 1.35 -15.57
CA ALA A 365 -8.46 0.13 -16.24
C ALA A 365 -8.02 0.44 -17.66
N LEU A 366 -8.83 1.24 -18.37
CA LEU A 366 -8.53 1.64 -19.74
C LEU A 366 -7.29 2.52 -19.80
N PHE A 367 -7.24 3.56 -18.97
CA PHE A 367 -6.16 4.53 -19.11
C PHE A 367 -4.85 4.04 -18.47
N THR A 368 -4.90 3.43 -17.28
CA THR A 368 -3.62 2.98 -16.70
C THR A 368 -3.11 1.73 -17.41
N GLY A 369 -4.01 0.93 -17.99
CA GLY A 369 -3.56 -0.20 -18.79
C GLY A 369 -2.92 0.24 -20.09
N LEU A 370 -3.53 1.22 -20.77
CA LEU A 370 -2.91 1.81 -21.94
C LEU A 370 -1.51 2.32 -21.62
N ILE A 371 -1.41 3.14 -20.59
CA ILE A 371 -0.13 3.74 -20.19
C ILE A 371 0.88 2.66 -19.83
N ALA A 372 0.44 1.58 -19.19
CA ALA A 372 1.36 0.52 -18.77
C ALA A 372 2.04 -0.16 -19.95
N ILE A 373 1.47 -0.08 -21.16
CA ILE A 373 2.11 -0.67 -22.34
C ILE A 373 3.51 -0.12 -22.51
N HIS A 374 3.71 1.16 -22.19
CA HIS A 374 5.05 1.73 -22.28
C HIS A 374 6.04 1.02 -21.36
N GLY A 375 5.58 0.53 -20.21
CA GLY A 375 6.50 -0.18 -19.33
C GLY A 375 6.82 -1.59 -19.76
N LEU A 376 6.20 -2.07 -20.84
CA LEU A 376 6.54 -3.33 -21.46
C LEU A 376 7.52 -3.19 -22.61
N LYS A 377 8.00 -1.97 -22.87
CA LYS A 377 8.97 -1.80 -23.93
C LYS A 377 10.13 -0.95 -23.44
N ALA A 378 11.24 -1.07 -24.18
CA ALA A 378 12.46 -0.39 -23.84
C ALA A 378 12.25 1.12 -23.80
N SER A 379 12.85 1.75 -22.80
CA SER A 379 12.72 3.19 -22.60
C SER A 379 13.95 3.90 -23.12
N ASP A 380 13.71 5.01 -23.82
CA ASP A 380 14.80 5.80 -24.40
C ASP A 380 15.64 6.53 -23.36
N VAL A 381 15.35 6.44 -22.07
CA VAL A 381 16.05 7.27 -21.08
C VAL A 381 16.88 6.48 -20.07
N ASN A 382 16.70 5.17 -19.92
CA ASN A 382 17.69 4.40 -19.17
C ASN A 382 17.74 2.97 -19.67
N GLY A 383 18.99 2.48 -19.87
CA GLY A 383 19.33 1.17 -20.39
C GLY A 383 18.21 0.20 -20.71
N PRO A 384 17.27 0.61 -21.57
CA PRO A 384 15.99 -0.10 -21.69
C PRO A 384 15.58 -1.00 -20.57
N LEU A 385 15.28 -0.39 -19.43
CA LEU A 385 14.66 -1.12 -18.35
C LEU A 385 13.18 -1.31 -18.66
N ILE A 386 12.72 -2.55 -18.54
CA ILE A 386 11.34 -2.90 -18.79
C ILE A 386 10.73 -3.22 -17.43
N ASN A 387 9.65 -2.52 -17.07
CA ASN A 387 9.03 -2.77 -15.78
C ASN A 387 8.69 -4.25 -15.63
N SER A 388 8.04 -4.84 -16.61
CA SER A 388 7.78 -6.28 -16.62
C SER A 388 8.47 -6.89 -17.83
N ARG A 389 9.53 -7.66 -17.59
CA ARG A 389 10.16 -8.40 -18.67
C ARG A 389 9.32 -9.60 -19.10
N THR A 390 8.51 -10.14 -18.21
CA THR A 390 7.69 -11.29 -18.55
C THR A 390 6.39 -10.91 -19.23
N GLY A 391 6.11 -9.62 -19.39
CA GLY A 391 5.00 -9.15 -20.19
C GLY A 391 3.68 -8.98 -19.47
N SER A 392 3.68 -8.69 -18.18
CA SER A 392 2.45 -8.48 -17.43
C SER A 392 2.28 -7.02 -17.05
N ILE A 393 1.02 -6.64 -16.85
CA ILE A 393 0.63 -5.34 -16.30
C ILE A 393 0.01 -5.61 -14.94
N TYR A 394 0.52 -4.97 -13.89
CA TYR A 394 0.17 -5.35 -12.51
C TYR A 394 -0.74 -4.29 -11.89
N ILE A 395 -2.03 -4.60 -11.77
CA ILE A 395 -3.03 -3.65 -11.26
C ILE A 395 -3.57 -4.16 -9.92
N VAL A 396 -3.39 -3.34 -8.88
CA VAL A 396 -4.03 -3.61 -7.60
C VAL A 396 -5.47 -3.11 -7.67
N LYS A 397 -6.43 -4.00 -7.41
CA LYS A 397 -7.85 -3.63 -7.42
C LYS A 397 -8.39 -3.61 -6.00
N PRO A 398 -8.70 -2.46 -5.45
CA PRO A 398 -9.12 -2.35 -4.05
C PRO A 398 -10.63 -2.47 -3.86
N LYS A 399 -11.01 -2.68 -2.59
CA LYS A 399 -12.38 -2.47 -2.12
C LYS A 399 -13.40 -3.34 -2.85
N MET A 400 -13.02 -4.54 -3.26
CA MET A 400 -14.00 -5.46 -3.84
C MET A 400 -14.72 -6.23 -2.73
N HIS A 401 -16.01 -6.51 -2.97
CA HIS A 401 -16.89 -7.23 -2.03
C HIS A 401 -17.37 -8.51 -2.69
N GLY A 402 -16.64 -9.61 -2.47
CA GLY A 402 -17.13 -10.92 -2.85
C GLY A 402 -16.74 -11.34 -4.25
N PRO A 403 -17.02 -12.61 -4.59
CA PRO A 403 -16.46 -13.19 -5.83
C PRO A 403 -17.05 -12.62 -7.10
N ALA A 404 -18.34 -12.25 -7.11
CA ALA A 404 -18.92 -11.65 -8.31
C ALA A 404 -18.21 -10.35 -8.68
N GLU A 405 -17.80 -9.57 -7.66
CA GLU A 405 -17.08 -8.33 -7.94
C GLU A 405 -15.68 -8.61 -8.48
N VAL A 406 -15.02 -9.66 -8.00
CA VAL A 406 -13.75 -10.06 -8.59
C VAL A 406 -13.95 -10.51 -10.04
N ALA A 407 -15.01 -11.28 -10.30
CA ALA A 407 -15.27 -11.72 -11.66
C ALA A 407 -15.53 -10.54 -12.59
N PHE A 408 -16.24 -9.53 -12.10
CA PHE A 408 -16.46 -8.33 -12.90
C PHE A 408 -15.13 -7.64 -13.23
N THR A 409 -14.20 -7.58 -12.26
CA THR A 409 -12.89 -7.00 -12.56
C THR A 409 -12.17 -7.80 -13.65
N CYS A 410 -12.24 -9.13 -13.57
CA CYS A 410 -11.55 -9.93 -14.58
C CYS A 410 -12.16 -9.70 -15.96
N GLU A 411 -13.48 -9.56 -16.04
CA GLU A 411 -14.13 -9.30 -17.32
C GLU A 411 -13.83 -7.90 -17.84
N LEU A 412 -13.80 -6.91 -16.93
CA LEU A 412 -13.35 -5.57 -17.31
C LEU A 412 -11.94 -5.60 -17.90
N PHE A 413 -11.02 -6.30 -17.23
CA PHE A 413 -9.64 -6.37 -17.74
C PHE A 413 -9.59 -7.08 -19.08
N SER A 414 -10.38 -8.16 -19.24
CA SER A 414 -10.46 -8.88 -20.50
C SER A 414 -10.89 -7.96 -21.64
N ARG A 415 -11.94 -7.17 -21.41
CA ARG A 415 -12.43 -6.26 -22.44
C ARG A 415 -11.42 -5.16 -22.75
N VAL A 416 -10.72 -4.68 -21.71
CA VAL A 416 -9.69 -3.66 -21.92
C VAL A 416 -8.53 -4.25 -22.72
N GLU A 417 -8.16 -5.50 -22.44
CA GLU A 417 -7.10 -6.14 -23.20
C GLU A 417 -7.46 -6.19 -24.68
N ASP A 418 -8.74 -6.42 -24.99
CA ASP A 418 -9.19 -6.43 -26.39
C ASP A 418 -9.07 -5.06 -27.02
N VAL A 419 -9.51 -4.02 -26.32
CA VAL A 419 -9.39 -2.65 -26.82
C VAL A 419 -7.92 -2.29 -27.04
N LEU A 420 -7.04 -2.75 -26.16
CA LEU A 420 -5.64 -2.39 -26.25
C LEU A 420 -4.84 -3.31 -27.18
N GLY A 421 -5.47 -4.35 -27.72
CA GLY A 421 -4.73 -5.33 -28.49
C GLY A 421 -3.71 -6.12 -27.70
N LEU A 422 -3.89 -6.23 -26.41
CA LEU A 422 -3.00 -7.02 -25.57
C LEU A 422 -3.47 -8.47 -25.52
N PRO A 423 -2.56 -9.41 -25.32
CA PRO A 423 -2.97 -10.79 -25.07
C PRO A 423 -3.90 -10.86 -23.87
N GLN A 424 -4.83 -11.81 -23.91
CA GLN A 424 -5.67 -12.05 -22.74
C GLN A 424 -4.81 -12.42 -21.54
N ASN A 425 -5.19 -11.90 -20.37
CA ASN A 425 -4.55 -12.12 -19.07
C ASN A 425 -3.23 -11.39 -18.94
N THR A 426 -2.92 -10.46 -19.83
CA THR A 426 -1.78 -9.56 -19.61
C THR A 426 -1.98 -8.76 -18.33
N MET A 427 -3.20 -8.29 -18.09
CA MET A 427 -3.51 -7.44 -16.95
C MET A 427 -3.76 -8.31 -15.73
N LYS A 428 -2.81 -8.32 -14.81
CA LYS A 428 -2.86 -9.12 -13.59
C LYS A 428 -3.48 -8.31 -12.46
N ILE A 429 -4.04 -9.00 -11.47
CA ILE A 429 -4.79 -8.36 -10.39
CA ILE A 429 -4.79 -8.38 -10.38
C ILE A 429 -4.12 -8.69 -9.06
N GLY A 430 -3.78 -7.64 -8.31
CA GLY A 430 -3.43 -7.82 -6.92
C GLY A 430 -4.72 -7.59 -6.17
N ILE A 431 -5.23 -8.61 -5.49
CA ILE A 431 -6.54 -8.53 -4.82
C ILE A 431 -6.34 -8.00 -3.41
N MET A 432 -6.94 -6.83 -3.11
CA MET A 432 -7.03 -6.43 -1.72
C MET A 432 -8.11 -7.27 -1.04
N ASP A 433 -7.75 -7.90 0.08
CA ASP A 433 -8.71 -8.52 0.99
C ASP A 433 -8.92 -7.47 2.08
N GLU A 434 -9.90 -6.60 1.87
CA GLU A 434 -10.11 -5.47 2.77
C GLU A 434 -11.59 -5.13 2.92
N GLU A 435 -12.48 -6.07 2.61
CA GLU A 435 -13.91 -5.92 2.87
C GLU A 435 -14.43 -7.24 3.41
N ARG A 436 -15.36 -7.18 4.35
CA ARG A 436 -15.81 -8.39 5.04
C ARG A 436 -16.31 -9.45 4.06
N ARG A 437 -17.08 -9.04 3.04
CA ARG A 437 -17.68 -10.03 2.14
C ARG A 437 -16.64 -10.69 1.23
N THR A 438 -15.49 -10.05 1.03
CA THR A 438 -14.39 -10.79 0.41
C THR A 438 -13.71 -11.73 1.40
N THR A 439 -13.45 -11.25 2.63
CA THR A 439 -12.79 -12.07 3.65
C THR A 439 -13.47 -13.43 3.79
N VAL A 440 -14.81 -13.44 3.94
CA VAL A 440 -15.52 -14.68 4.24
C VAL A 440 -15.82 -15.49 2.99
N ASN A 441 -15.50 -14.97 1.80
CA ASN A 441 -15.60 -15.72 0.55
C ASN A 441 -14.26 -15.71 -0.19
N LEU A 442 -13.14 -15.73 0.55
CA LEU A 442 -11.84 -15.42 -0.06
C LEU A 442 -11.42 -16.50 -1.05
N LYS A 443 -11.62 -17.77 -0.71
CA LYS A 443 -11.27 -18.85 -1.63
C LYS A 443 -11.96 -18.67 -2.99
N ALA A 444 -13.25 -18.32 -2.96
CA ALA A 444 -14.01 -18.08 -4.19
C ALA A 444 -13.51 -16.85 -4.92
N CYS A 445 -13.11 -15.81 -4.19
CA CYS A 445 -12.56 -14.62 -4.83
C CYS A 445 -11.28 -14.95 -5.60
N ILE A 446 -10.37 -15.71 -4.97
CA ILE A 446 -9.15 -16.12 -5.64
C ILE A 446 -9.47 -16.98 -6.86
N LYS A 447 -10.41 -17.92 -6.70
CA LYS A 447 -10.80 -18.79 -7.81
C LYS A 447 -11.30 -18.00 -9.00
N ALA A 448 -12.10 -16.95 -8.74
CA ALA A 448 -12.62 -16.17 -9.85
C ALA A 448 -11.55 -15.40 -10.59
N ALA A 449 -10.38 -15.20 -9.98
CA ALA A 449 -9.24 -14.59 -10.66
C ALA A 449 -8.07 -15.57 -10.79
N ALA A 450 -8.37 -16.87 -10.88
CA ALA A 450 -7.32 -17.88 -10.74
C ALA A 450 -6.24 -17.77 -11.82
N ASP A 451 -6.52 -17.15 -12.97
CA ASP A 451 -5.54 -17.01 -14.03
C ASP A 451 -4.97 -15.60 -14.14
N ARG A 452 -5.36 -14.70 -13.23
CA ARG A 452 -4.84 -13.33 -13.22
C ARG A 452 -4.24 -12.90 -11.90
N VAL A 453 -4.47 -13.62 -10.80
CA VAL A 453 -4.13 -13.07 -9.49
C VAL A 453 -2.62 -13.12 -9.29
N VAL A 454 -2.03 -12.02 -8.84
CA VAL A 454 -0.61 -11.98 -8.50
C VAL A 454 -0.34 -11.70 -7.03
N PHE A 455 -1.34 -11.23 -6.26
CA PHE A 455 -1.23 -11.25 -4.82
C PHE A 455 -2.62 -11.20 -4.19
N ILE A 456 -2.65 -11.53 -2.90
CA ILE A 456 -3.72 -11.13 -2.01
C ILE A 456 -3.04 -10.34 -0.90
N ASN A 457 -3.71 -9.31 -0.39
CA ASN A 457 -3.13 -8.48 0.66
C ASN A 457 -4.22 -8.09 1.64
N THR A 458 -3.91 -8.19 2.95
CA THR A 458 -4.84 -7.80 4.00
C THR A 458 -4.74 -6.29 4.19
N GLY A 459 -5.55 -5.54 3.45
CA GLY A 459 -5.70 -4.13 3.72
C GLY A 459 -6.49 -3.95 5.01
N PHE A 460 -5.81 -4.06 6.16
CA PHE A 460 -6.51 -4.18 7.43
C PHE A 460 -7.22 -2.90 7.86
N LEU A 461 -6.82 -1.73 7.35
CA LEU A 461 -7.49 -0.51 7.79
C LEU A 461 -8.84 -0.36 7.09
N ASP A 462 -8.89 -0.52 5.76
CA ASP A 462 -10.20 -0.58 5.11
C ASP A 462 -11.04 -1.68 5.72
N ARG A 463 -10.44 -2.85 5.98
CA ARG A 463 -11.21 -3.96 6.50
C ARG A 463 -11.84 -3.63 7.85
N THR A 464 -11.15 -2.82 8.66
CA THR A 464 -11.70 -2.42 9.95
C THR A 464 -12.88 -1.47 9.74
N GLY A 465 -12.77 -0.54 8.79
CA GLY A 465 -13.91 0.32 8.47
C GLY A 465 -15.13 -0.47 8.02
N ASP A 466 -14.91 -1.43 7.10
CA ASP A 466 -16.02 -2.30 6.70
C ASP A 466 -16.59 -3.07 7.88
N GLU A 467 -15.72 -3.53 8.81
CA GLU A 467 -16.21 -4.26 9.98
C GLU A 467 -17.20 -3.41 10.77
N ILE A 468 -16.85 -2.14 11.00
CA ILE A 468 -17.72 -1.25 11.78
C ILE A 468 -19.01 -0.97 11.02
N HIS A 469 -18.90 -0.62 9.72
CA HIS A 469 -20.11 -0.30 8.99
C HIS A 469 -21.05 -1.49 8.90
N THR A 470 -20.51 -2.69 8.61
CA THR A 470 -21.37 -3.85 8.41
C THR A 470 -22.22 -4.14 9.65
N SER A 471 -21.65 -4.00 10.83
CA SER A 471 -22.34 -4.30 12.08
C SER A 471 -22.74 -3.02 12.81
N MET A 472 -22.93 -1.93 12.05
CA MET A 472 -23.25 -0.64 12.65
C MET A 472 -24.42 -0.72 13.61
N GLU A 473 -25.50 -1.41 13.21
CA GLU A 473 -26.71 -1.53 14.01
C GLU A 473 -26.58 -2.51 15.18
N ALA A 474 -25.50 -3.30 15.28
CA ALA A 474 -25.44 -4.35 16.30
C ALA A 474 -25.25 -3.77 17.69
N GLY A 475 -24.48 -2.70 17.82
CA GLY A 475 -24.13 -2.12 19.10
C GLY A 475 -22.86 -1.30 19.01
N PRO A 476 -22.45 -0.70 20.13
CA PRO A 476 -21.22 0.11 20.12
C PRO A 476 -19.99 -0.78 20.00
N MET A 477 -19.06 -0.34 19.15
CA MET A 477 -17.81 -1.04 18.90
C MET A 477 -16.73 -0.64 19.91
N VAL A 478 -15.71 -1.50 20.04
CA VAL A 478 -14.54 -1.17 20.85
C VAL A 478 -13.81 0.01 20.24
N ARG A 479 -12.92 0.61 21.03
CA ARG A 479 -12.14 1.76 20.57
C ARG A 479 -11.27 1.39 19.37
N LYS A 480 -10.94 2.41 18.58
CA LYS A 480 -10.14 2.25 17.37
C LYS A 480 -8.85 1.47 17.62
N GLY A 481 -8.09 1.87 18.64
CA GLY A 481 -6.83 1.18 18.94
C GLY A 481 -7.01 -0.27 19.35
N THR A 482 -8.17 -0.60 19.94
CA THR A 482 -8.47 -1.97 20.33
C THR A 482 -8.72 -2.86 19.12
N MET A 483 -9.26 -2.28 18.03
CA MET A 483 -9.60 -3.04 16.84
C MET A 483 -8.43 -3.86 16.31
N LYS A 484 -7.23 -3.28 16.36
CA LYS A 484 -6.06 -3.90 15.75
C LYS A 484 -5.76 -5.26 16.35
N SER A 485 -6.28 -5.56 17.54
CA SER A 485 -5.98 -6.80 18.25
C SER A 485 -7.22 -7.64 18.52
N GLN A 486 -8.36 -7.30 17.92
CA GLN A 486 -9.58 -8.04 18.16
C GLN A 486 -9.54 -9.42 17.50
N PRO A 487 -10.29 -10.38 18.05
CA PRO A 487 -10.35 -11.72 17.45
C PRO A 487 -10.62 -11.72 15.95
N TRP A 488 -11.57 -10.92 15.48
CA TRP A 488 -11.96 -11.00 14.08
C TRP A 488 -10.77 -10.67 13.16
N ILE A 489 -9.93 -9.72 13.55
CA ILE A 489 -8.86 -9.27 12.66
C ILE A 489 -7.70 -10.25 12.68
N LEU A 490 -7.43 -10.87 13.83
CA LEU A 490 -6.38 -11.87 13.87
C LEU A 490 -6.77 -13.11 13.07
N ALA A 491 -8.03 -13.50 13.15
CA ALA A 491 -8.54 -14.59 12.31
C ALA A 491 -8.49 -14.21 10.82
N TYR A 492 -8.88 -12.97 10.49
CA TYR A 492 -8.81 -12.47 9.12
C TYR A 492 -7.39 -12.55 8.56
N GLU A 493 -6.38 -12.19 9.37
CA GLU A 493 -5.00 -12.22 8.90
C GLU A 493 -4.53 -13.66 8.63
N ASP A 494 -4.80 -14.57 9.56
CA ASP A 494 -4.39 -15.96 9.37
C ASP A 494 -5.15 -16.61 8.23
N HIS A 495 -6.46 -16.33 8.14
CA HIS A 495 -7.30 -16.89 7.08
C HIS A 495 -6.79 -16.50 5.71
N ASN A 496 -6.33 -15.25 5.57
CA ASN A 496 -5.77 -14.80 4.30
C ASN A 496 -4.57 -15.65 3.91
N VAL A 497 -3.62 -15.82 4.82
CA VAL A 497 -2.43 -16.63 4.51
C VAL A 497 -2.86 -18.06 4.17
N ASP A 498 -3.72 -18.66 5.00
CA ASP A 498 -4.18 -20.02 4.73
C ASP A 498 -4.75 -20.17 3.32
N ALA A 499 -5.61 -19.22 2.90
CA ALA A 499 -6.25 -19.33 1.60
C ALA A 499 -5.23 -19.21 0.47
N GLY A 500 -4.30 -18.26 0.58
CA GLY A 500 -3.31 -18.10 -0.48
C GLY A 500 -2.42 -19.32 -0.61
N LEU A 501 -1.92 -19.83 0.51
CA LEU A 501 -1.04 -20.99 0.46
C LEU A 501 -1.76 -22.21 -0.10
N ALA A 502 -3.04 -22.39 0.27
CA ALA A 502 -3.80 -23.54 -0.22
C ALA A 502 -4.10 -23.45 -1.70
N ALA A 503 -4.19 -22.22 -2.24
CA ALA A 503 -4.33 -21.99 -3.68
C ALA A 503 -3.01 -22.03 -4.42
N GLY A 504 -1.94 -22.44 -3.75
CA GLY A 504 -0.65 -22.59 -4.39
C GLY A 504 0.11 -21.30 -4.63
N PHE A 505 -0.09 -20.28 -3.78
CA PHE A 505 0.59 -19.00 -4.01
C PHE A 505 2.11 -19.12 -3.85
N SER A 506 2.56 -20.03 -2.99
CA SER A 506 3.99 -20.13 -2.72
C SER A 506 4.74 -20.46 -4.01
N GLY A 507 5.67 -19.58 -4.39
CA GLY A 507 6.36 -19.70 -5.64
C GLY A 507 5.62 -19.14 -6.84
N ARG A 508 4.41 -18.61 -6.64
CA ARG A 508 3.60 -18.17 -7.77
C ARG A 508 3.07 -16.75 -7.61
N ALA A 509 2.82 -16.32 -6.38
CA ALA A 509 2.12 -15.07 -6.14
C ALA A 509 2.41 -14.60 -4.72
N GLN A 510 2.31 -13.29 -4.51
CA GLN A 510 2.57 -12.70 -3.19
C GLN A 510 1.43 -12.95 -2.21
N VAL A 511 1.78 -13.21 -0.96
CA VAL A 511 0.86 -13.19 0.17
C VAL A 511 1.27 -12.00 1.01
N GLY A 512 0.43 -10.96 1.06
CA GLY A 512 0.85 -9.66 1.55
C GLY A 512 0.05 -9.19 2.76
N LYS A 513 0.70 -8.38 3.60
CA LYS A 513 0.06 -7.78 4.77
C LYS A 513 0.26 -6.27 4.74
N GLY A 514 -0.25 -5.58 5.77
CA GLY A 514 -0.62 -4.18 5.66
C GLY A 514 0.45 -3.17 6.06
N MET A 515 0.03 -1.92 6.09
CA MET A 515 0.88 -0.75 6.16
C MET A 515 1.27 -0.43 7.60
N TRP A 516 2.54 -0.08 7.79
CA TRP A 516 3.01 0.50 9.03
C TRP A 516 2.86 2.02 8.93
N THR A 517 2.01 2.60 9.78
CA THR A 517 1.63 4.01 9.58
C THR A 517 2.37 4.98 10.48
N MET A 518 3.13 4.49 11.48
CA MET A 518 3.81 5.38 12.42
C MET A 518 5.17 5.71 11.81
N THR A 519 5.18 6.73 10.96
CA THR A 519 6.32 6.95 10.06
C THR A 519 7.59 7.30 10.82
N GLU A 520 7.49 7.82 12.04
CA GLU A 520 8.67 8.19 12.82
C GLU A 520 9.09 7.13 13.83
N LEU A 521 8.27 6.10 14.07
CA LEU A 521 8.58 5.10 15.09
C LEU A 521 9.21 3.87 14.43
N MET A 522 10.45 4.05 13.98
CA MET A 522 11.12 3.00 13.21
C MET A 522 11.70 1.90 14.11
N ALA A 523 12.20 2.25 15.31
CA ALA A 523 12.58 1.21 16.24
C ALA A 523 11.41 0.30 16.55
N ASP A 524 10.23 0.88 16.79
CA ASP A 524 9.06 0.05 17.03
C ASP A 524 8.71 -0.78 15.80
N MET A 525 8.85 -0.21 14.60
CA MET A 525 8.57 -1.00 13.40
C MET A 525 9.53 -2.18 13.30
N VAL A 526 10.82 -1.93 13.48
CA VAL A 526 11.80 -3.02 13.38
C VAL A 526 11.54 -4.05 14.46
N GLU A 527 11.05 -3.63 15.63
CA GLU A 527 10.79 -4.59 16.70
C GLU A 527 9.56 -5.43 16.40
N THR A 528 8.51 -4.84 15.83
CA THR A 528 7.19 -5.47 15.80
C THR A 528 6.77 -6.01 14.44
N LYS A 529 7.14 -5.35 13.33
CA LYS A 529 6.65 -5.72 12.01
C LYS A 529 7.22 -7.04 11.51
N ILE A 530 8.25 -7.56 12.18
CA ILE A 530 8.78 -8.90 11.89
C ILE A 530 7.68 -9.96 12.02
N ALA A 531 6.62 -9.68 12.78
CA ALA A 531 5.49 -10.59 12.88
C ALA A 531 4.88 -10.91 11.52
N GLN A 532 4.95 -9.97 10.57
CA GLN A 532 4.30 -10.25 9.29
C GLN A 532 5.05 -11.32 8.49
N PRO A 533 6.36 -11.22 8.22
CA PRO A 533 7.04 -12.36 7.59
C PRO A 533 6.98 -13.62 8.43
N ARG A 534 6.98 -13.50 9.76
CA ARG A 534 6.86 -14.69 10.62
C ARG A 534 5.52 -15.39 10.43
N ALA A 535 4.50 -14.65 9.99
CA ALA A 535 3.19 -15.23 9.74
C ALA A 535 3.05 -15.81 8.34
N GLY A 536 4.14 -15.82 7.55
CA GLY A 536 4.10 -16.37 6.20
C GLY A 536 3.88 -15.36 5.09
N ALA A 537 3.81 -14.08 5.40
CA ALA A 537 3.62 -13.07 4.37
C ALA A 537 4.90 -12.90 3.56
N SER A 538 4.82 -13.06 2.25
CA SER A 538 6.00 -12.81 1.42
C SER A 538 6.22 -11.34 1.10
N THR A 539 5.29 -10.45 1.47
CA THR A 539 5.51 -9.02 1.33
C THR A 539 4.62 -8.30 2.35
N ALA A 540 4.99 -7.06 2.67
CA ALA A 540 4.10 -6.21 3.46
C ALA A 540 4.43 -4.75 3.17
N TRP A 541 3.49 -3.87 3.50
CA TRP A 541 3.54 -2.50 3.01
C TRP A 541 4.31 -1.59 3.94
N VAL A 542 5.14 -0.73 3.35
CA VAL A 542 5.90 0.27 4.08
C VAL A 542 5.60 1.65 3.50
N PRO A 543 5.70 2.72 4.31
CA PRO A 543 5.30 4.06 3.85
C PRO A 543 6.38 4.90 3.19
N SER A 544 7.65 4.47 3.22
CA SER A 544 8.74 5.34 2.78
C SER A 544 9.89 4.46 2.31
N PRO A 545 10.79 5.00 1.48
CA PRO A 545 12.01 4.25 1.15
C PRO A 545 12.83 3.90 2.37
N THR A 546 12.88 4.80 3.36
CA THR A 546 13.60 4.49 4.59
C THR A 546 12.98 3.30 5.31
N ALA A 547 11.65 3.24 5.38
CA ALA A 547 11.01 2.11 6.04
C ALA A 547 11.12 0.82 5.22
N ALA A 548 11.23 0.93 3.89
CA ALA A 548 11.52 -0.26 3.08
C ALA A 548 12.88 -0.86 3.42
N THR A 549 13.91 0.00 3.54
CA THR A 549 15.23 -0.50 3.90
C THR A 549 15.19 -1.18 5.28
N LEU A 550 14.46 -0.59 6.24
CA LEU A 550 14.47 -1.16 7.59
C LEU A 550 13.62 -2.42 7.66
N HIS A 551 12.49 -2.45 6.95
CA HIS A 551 11.67 -3.67 6.89
C HIS A 551 12.41 -4.81 6.18
N ALA A 552 13.31 -4.48 5.24
CA ALA A 552 14.10 -5.53 4.58
C ALA A 552 14.84 -6.40 5.59
N LEU A 553 15.29 -5.79 6.71
CA LEU A 553 15.95 -6.54 7.77
C LEU A 553 15.18 -7.78 8.18
N HIS A 554 13.84 -7.67 8.26
CA HIS A 554 13.03 -8.79 8.71
C HIS A 554 13.10 -9.98 7.74
N TYR A 555 13.22 -9.73 6.43
CA TYR A 555 13.29 -10.82 5.48
C TYR A 555 14.64 -11.50 5.51
N HIS A 556 15.65 -10.83 6.06
CA HIS A 556 16.94 -11.49 6.29
C HIS A 556 16.90 -12.39 7.52
N GLN A 557 16.11 -12.02 8.53
CA GLN A 557 16.00 -12.83 9.73
C GLN A 557 15.03 -13.98 9.56
N VAL A 558 13.96 -13.79 8.79
CA VAL A 558 12.89 -14.78 8.64
C VAL A 558 13.00 -15.41 7.27
N ASP A 559 13.03 -16.74 7.22
CA ASP A 559 12.99 -17.49 5.95
C ASP A 559 11.52 -17.68 5.59
N VAL A 560 10.95 -16.68 4.91
CA VAL A 560 9.52 -16.70 4.59
C VAL A 560 9.15 -17.95 3.81
N ALA A 561 10.02 -18.37 2.89
CA ALA A 561 9.70 -19.54 2.09
C ALA A 561 9.56 -20.79 2.95
N ALA A 562 10.46 -20.98 3.92
CA ALA A 562 10.35 -22.08 4.85
C ALA A 562 9.11 -21.95 5.74
N VAL A 563 8.80 -20.72 6.17
CA VAL A 563 7.61 -20.51 7.00
C VAL A 563 6.36 -20.97 6.24
N GLN A 564 6.20 -20.48 5.01
CA GLN A 564 5.06 -20.88 4.20
C GLN A 564 5.03 -22.39 4.02
N GLN A 565 6.20 -23.01 3.87
CA GLN A 565 6.21 -24.45 3.65
C GLN A 565 5.70 -25.20 4.88
N GLY A 566 6.05 -24.70 6.09
CA GLY A 566 5.56 -25.32 7.32
C GLY A 566 4.10 -25.03 7.63
N LEU A 567 3.53 -23.97 7.03
CA LEU A 567 2.12 -23.67 7.22
C LEU A 567 1.20 -24.49 6.31
N ALA A 568 1.75 -25.19 5.33
CA ALA A 568 0.93 -25.86 4.33
C ALA A 568 -0.09 -26.79 4.98
N GLY A 569 -1.33 -26.73 4.49
CA GLY A 569 -2.38 -27.59 4.97
C GLY A 569 -3.09 -27.12 6.22
N LYS A 570 -2.48 -26.21 6.98
CA LYS A 570 -3.09 -25.80 8.24
C LYS A 570 -4.31 -24.92 7.99
N ARG A 571 -5.27 -24.99 8.90
CA ARG A 571 -6.53 -24.27 8.82
C ARG A 571 -6.69 -23.60 10.18
N ARG A 572 -6.21 -22.37 10.31
CA ARG A 572 -6.03 -21.74 11.61
C ARG A 572 -7.14 -20.75 11.95
N ALA A 573 -8.09 -20.51 11.05
CA ALA A 573 -9.20 -19.62 11.35
C ALA A 573 -10.48 -20.26 10.86
N THR A 574 -11.51 -20.25 11.70
CA THR A 574 -12.84 -20.72 11.34
C THR A 574 -13.73 -19.56 10.88
N ILE A 575 -14.82 -19.92 10.18
CA ILE A 575 -15.79 -18.91 9.78
C ILE A 575 -16.33 -18.19 11.00
N GLU A 576 -16.50 -18.91 12.11
CA GLU A 576 -17.06 -18.29 13.30
C GLU A 576 -16.13 -17.23 13.85
N GLN A 577 -14.82 -17.50 13.86
CA GLN A 577 -13.86 -16.51 14.31
C GLN A 577 -13.90 -15.28 13.41
N LEU A 578 -14.01 -15.48 12.10
CA LEU A 578 -14.05 -14.33 11.18
C LEU A 578 -15.27 -13.46 11.46
N LEU A 579 -16.36 -14.07 11.91
CA LEU A 579 -17.62 -13.34 12.06
C LEU A 579 -17.83 -12.80 13.47
N THR A 580 -16.80 -12.79 14.31
CA THR A 580 -16.91 -12.29 15.69
C THR A 580 -16.90 -10.77 15.68
N ILE A 581 -18.09 -10.17 15.86
CA ILE A 581 -18.27 -8.72 15.75
C ILE A 581 -17.59 -8.02 16.94
N PRO A 582 -16.77 -6.99 16.72
CA PRO A 582 -16.03 -6.33 17.82
C PRO A 582 -16.90 -5.40 18.67
N LEU A 583 -17.97 -5.94 19.24
CA LEU A 583 -18.83 -5.17 20.12
C LEU A 583 -18.15 -4.96 21.47
N ALA A 584 -18.29 -3.76 22.02
CA ALA A 584 -17.71 -3.47 23.32
C ALA A 584 -18.55 -4.11 24.42
N LYS A 585 -17.89 -4.44 25.52
CA LYS A 585 -18.58 -5.04 26.67
C LYS A 585 -19.27 -3.96 27.48
N GLU A 586 -20.24 -4.38 28.28
CA GLU A 586 -20.98 -3.45 29.13
C GLU A 586 -20.02 -2.72 30.07
N LEU A 587 -20.22 -1.41 30.20
CA LEU A 587 -19.40 -0.57 31.08
C LEU A 587 -17.92 -0.65 30.71
N ALA A 588 -17.64 -0.50 29.41
CA ALA A 588 -16.27 -0.69 28.97
C ALA A 588 -15.37 0.51 29.27
N TRP A 589 -15.93 1.71 29.36
CA TRP A 589 -15.13 2.93 29.37
C TRP A 589 -15.54 3.89 30.47
N ALA A 590 -14.55 4.57 31.03
CA ALA A 590 -14.75 5.70 31.91
C ALA A 590 -14.99 6.96 31.09
N PRO A 591 -15.60 7.99 31.68
CA PRO A 591 -15.82 9.25 30.94
C PRO A 591 -14.57 9.83 30.30
N ASP A 592 -13.42 9.75 30.98
CA ASP A 592 -12.20 10.31 30.41
C ASP A 592 -11.71 9.50 29.20
N GLU A 593 -11.95 8.19 29.18
CA GLU A 593 -11.53 7.39 28.05
C GLU A 593 -12.40 7.64 26.83
N ILE A 594 -13.70 7.89 27.04
CA ILE A 594 -14.58 8.21 25.92
C ILE A 594 -14.16 9.52 25.28
N ARG A 595 -13.90 10.55 26.09
CA ARG A 595 -13.48 11.83 25.55
C ARG A 595 -12.13 11.73 24.83
N GLU A 596 -11.23 10.89 25.36
CA GLU A 596 -9.95 10.71 24.69
C GLU A 596 -10.14 10.17 23.27
N GLU A 597 -10.97 9.14 23.14
CA GLU A 597 -11.21 8.54 21.83
C GLU A 597 -11.92 9.51 20.88
N VAL A 598 -12.86 10.32 21.39
CA VAL A 598 -13.50 11.31 20.54
C VAL A 598 -12.46 12.33 20.06
N ASP A 599 -11.67 12.87 20.98
CA ASP A 599 -10.61 13.81 20.60
C ASP A 599 -9.62 13.16 19.65
N ASN A 600 -9.23 11.90 19.95
CA ASN A 600 -8.29 11.18 19.10
C ASN A 600 -8.77 11.13 17.66
N ASN A 601 -10.03 10.75 17.47
CA ASN A 601 -10.58 10.60 16.13
C ASN A 601 -10.82 11.94 15.47
N CYS A 602 -11.33 12.94 16.22
CA CYS A 602 -11.65 14.23 15.64
C CYS A 602 -10.38 14.94 15.16
N GLN A 603 -9.31 14.88 15.94
CA GLN A 603 -8.05 15.48 15.48
C GLN A 603 -7.52 14.80 14.22
N SER A 604 -7.53 13.46 14.19
CA SER A 604 -7.03 12.77 13.01
C SER A 604 -7.89 13.10 11.79
N ILE A 605 -9.20 13.15 11.96
CA ILE A 605 -10.09 13.46 10.84
C ILE A 605 -9.80 14.85 10.31
N LEU A 606 -9.77 15.83 11.21
CA LEU A 606 -9.57 17.22 10.80
C LEU A 606 -8.21 17.44 10.16
N GLY A 607 -7.16 16.87 10.76
CA GLY A 607 -5.83 17.07 10.19
C GLY A 607 -5.72 16.51 8.79
N TYR A 608 -6.35 15.37 8.53
CA TYR A 608 -6.33 14.78 7.19
C TYR A 608 -7.25 15.54 6.24
N VAL A 609 -8.48 15.84 6.67
CA VAL A 609 -9.48 16.39 5.76
C VAL A 609 -9.11 17.80 5.31
N VAL A 610 -8.51 18.60 6.20
CA VAL A 610 -8.22 19.98 5.83
C VAL A 610 -7.24 20.04 4.67
N ARG A 611 -6.24 19.16 4.66
CA ARG A 611 -5.29 19.14 3.53
C ARG A 611 -5.88 18.46 2.31
N TRP A 612 -6.84 17.54 2.49
CA TRP A 612 -7.55 16.94 1.36
C TRP A 612 -8.39 17.98 0.63
N VAL A 613 -9.26 18.66 1.38
CA VAL A 613 -10.26 19.56 0.79
C VAL A 613 -9.62 20.85 0.28
N ASP A 614 -8.71 21.42 1.05
CA ASP A 614 -8.12 22.71 0.70
C ASP A 614 -6.93 22.61 -0.24
N GLN A 615 -6.17 21.51 -0.20
CA GLN A 615 -4.96 21.42 -1.01
C GLN A 615 -4.89 20.19 -1.90
N GLY A 616 -5.90 19.33 -1.91
CA GLY A 616 -5.86 18.14 -2.74
C GLY A 616 -4.73 17.19 -2.41
N VAL A 617 -4.40 17.05 -1.13
CA VAL A 617 -3.36 16.12 -0.69
C VAL A 617 -4.07 14.91 -0.06
N GLY A 618 -3.87 13.74 -0.66
CA GLY A 618 -4.57 12.55 -0.25
C GLY A 618 -3.89 11.71 0.81
N ALA A 619 -2.70 12.09 1.28
CA ALA A 619 -1.99 11.38 2.33
C ALA A 619 -1.14 12.37 3.10
N SER A 620 -1.32 12.42 4.42
CA SER A 620 -0.65 13.41 5.25
C SER A 620 -0.27 12.79 6.59
N LYS A 621 0.84 13.25 7.14
CA LYS A 621 1.21 12.87 8.49
C LYS A 621 0.46 13.75 9.49
N VAL A 622 -0.33 13.12 10.35
CA VAL A 622 -1.18 13.82 11.31
C VAL A 622 -0.96 13.22 12.70
N PRO A 623 -0.68 14.03 13.71
CA PRO A 623 -0.49 13.47 15.06
C PRO A 623 -1.79 12.91 15.63
N ASP A 624 -1.67 11.80 16.36
CA ASP A 624 -2.83 11.28 17.08
C ASP A 624 -2.91 11.95 18.45
N ILE A 625 -3.81 11.45 19.30
CA ILE A 625 -4.06 12.06 20.62
C ILE A 625 -2.80 11.99 21.48
N HIS A 626 -1.95 11.01 21.23
CA HIS A 626 -0.73 10.77 21.98
C HIS A 626 0.50 11.32 21.29
N ASP A 627 0.32 12.17 20.29
CA ASP A 627 1.35 12.90 19.56
C ASP A 627 2.19 12.04 18.63
N VAL A 628 1.76 10.82 18.34
CA VAL A 628 2.45 9.98 17.36
C VAL A 628 2.06 10.42 15.96
N ALA A 629 3.05 10.69 15.12
CA ALA A 629 2.80 11.03 13.72
C ALA A 629 2.28 9.80 12.99
N LEU A 630 1.12 9.92 12.37
CA LEU A 630 0.49 8.82 11.63
C LEU A 630 0.30 9.24 10.19
N MET A 631 0.73 8.38 9.25
CA MET A 631 0.41 8.59 7.84
CA MET A 631 0.41 8.58 7.85
C MET A 631 -1.06 8.25 7.64
N GLU A 632 -1.88 9.28 7.40
CA GLU A 632 -3.32 9.12 7.24
C GLU A 632 -3.65 9.07 5.76
N ASP A 633 -4.60 8.20 5.39
CA ASP A 633 -5.21 8.25 4.07
C ASP A 633 -6.67 7.86 4.24
N ARG A 634 -7.36 7.55 3.12
CA ARG A 634 -8.81 7.44 3.19
C ARG A 634 -9.25 6.28 4.08
N ALA A 635 -8.47 5.20 4.12
CA ALA A 635 -8.83 4.05 4.95
C ALA A 635 -8.81 4.40 6.43
N THR A 636 -7.78 5.12 6.90
CA THR A 636 -7.78 5.49 8.32
C THR A 636 -8.91 6.47 8.62
N LEU A 637 -9.23 7.35 7.66
CA LEU A 637 -10.39 8.22 7.78
C LEU A 637 -11.68 7.42 7.84
N ARG A 638 -11.77 6.35 7.04
CA ARG A 638 -12.97 5.51 7.09
CA ARG A 638 -12.96 5.49 7.07
C ARG A 638 -13.17 4.92 8.48
N ILE A 639 -12.09 4.49 9.13
CA ILE A 639 -12.22 3.95 10.48
C ILE A 639 -12.71 5.03 11.44
N SER A 640 -12.09 6.09 11.45
CA SER A 640 -12.32 7.14 12.45
C SER A 640 -13.76 7.63 12.40
N SER A 641 -14.19 7.95 11.14
CA SER A 641 -15.52 8.50 10.96
C SER A 641 -16.58 7.44 11.24
N GLN A 642 -16.34 6.19 10.84
CA GLN A 642 -17.31 5.13 11.12
C GLN A 642 -17.41 4.85 12.61
N LEU A 643 -16.29 4.88 13.34
CA LEU A 643 -16.30 4.65 14.77
C LEU A 643 -17.10 5.73 15.51
N LEU A 644 -16.86 7.01 15.20
CA LEU A 644 -17.65 8.07 15.83
C LEU A 644 -19.12 7.96 15.43
N ALA A 645 -19.39 7.67 14.14
CA ALA A 645 -20.77 7.44 13.71
C ALA A 645 -21.41 6.30 14.50
N ASN A 646 -20.64 5.23 14.76
CA ASN A 646 -21.18 4.12 15.55
C ASN A 646 -21.43 4.53 17.01
N TRP A 647 -20.51 5.29 17.60
CA TRP A 647 -20.71 5.74 18.98
C TRP A 647 -21.89 6.71 19.07
N LEU A 648 -22.05 7.58 18.08
CA LEU A 648 -23.22 8.44 18.00
C LEU A 648 -24.50 7.63 17.81
N ARG A 649 -24.44 6.56 16.99
CA ARG A 649 -25.62 5.75 16.70
C ARG A 649 -26.17 5.07 17.95
N HIS A 650 -25.30 4.75 18.91
CA HIS A 650 -25.68 3.92 20.05
C HIS A 650 -25.63 4.67 21.38
N GLY A 651 -25.55 6.00 21.33
CA GLY A 651 -25.63 6.78 22.54
C GLY A 651 -24.39 6.81 23.41
N VAL A 652 -23.23 6.40 22.88
CA VAL A 652 -22.00 6.50 23.66
C VAL A 652 -21.61 7.97 23.84
N ILE A 653 -21.81 8.77 22.80
CA ILE A 653 -21.50 10.19 22.80
C ILE A 653 -22.71 10.92 22.25
N THR A 654 -22.79 12.22 22.54
CA THR A 654 -23.81 13.10 21.98
C THR A 654 -23.26 13.90 20.81
N SER A 655 -24.17 14.47 20.04
CA SER A 655 -23.73 15.33 18.94
C SER A 655 -23.05 16.60 19.45
N ALA A 656 -23.32 17.01 20.69
CA ALA A 656 -22.55 18.11 21.26
C ALA A 656 -21.13 17.67 21.60
N ASP A 657 -20.94 16.44 22.06
CA ASP A 657 -19.59 15.94 22.29
C ASP A 657 -18.77 16.02 21.00
N VAL A 658 -19.38 15.65 19.87
CA VAL A 658 -18.67 15.64 18.60
C VAL A 658 -18.31 17.06 18.18
N ARG A 659 -19.30 17.97 18.25
CA ARG A 659 -19.06 19.36 17.88
C ARG A 659 -17.95 19.97 18.72
N ALA A 660 -18.02 19.77 20.04
CA ALA A 660 -17.02 20.32 20.95
C ALA A 660 -15.63 19.81 20.61
N SER A 661 -15.51 18.50 20.36
CA SER A 661 -14.21 17.95 20.03
C SER A 661 -13.67 18.55 18.73
N LEU A 662 -14.49 18.55 17.68
CA LEU A 662 -14.07 19.15 16.40
C LEU A 662 -13.63 20.59 16.61
N GLU A 663 -14.36 21.35 17.43
CA GLU A 663 -13.97 22.73 17.65
C GLU A 663 -12.77 22.83 18.59
N ARG A 664 -12.61 21.85 19.49
CA ARG A 664 -11.43 21.81 20.36
C ARG A 664 -10.16 21.53 19.58
N MET A 665 -10.19 20.55 18.68
CA MET A 665 -8.98 20.13 17.99
C MET A 665 -8.66 20.99 16.79
N ALA A 666 -9.65 21.70 16.22
CA ALA A 666 -9.42 22.46 15.00
C ALA A 666 -8.31 23.51 15.12
N PRO A 667 -8.21 24.31 16.18
CA PRO A 667 -7.10 25.28 16.23
C PRO A 667 -5.74 24.61 16.29
N LEU A 668 -5.63 23.46 16.96
CA LEU A 668 -4.35 22.75 16.99
C LEU A 668 -3.93 22.30 15.61
N VAL A 669 -4.89 21.84 14.81
CA VAL A 669 -4.60 21.46 13.43
C VAL A 669 -4.18 22.68 12.62
N ASP A 670 -4.84 23.83 12.85
CA ASP A 670 -4.37 25.08 12.26
C ASP A 670 -2.92 25.35 12.64
N ARG A 671 -2.57 25.12 13.91
CA ARG A 671 -1.21 25.38 14.37
C ARG A 671 -0.21 24.48 13.66
N GLN A 672 -0.57 23.19 13.48
CA GLN A 672 0.35 22.25 12.84
C GLN A 672 0.61 22.61 11.38
N ASN A 673 -0.32 23.29 10.73
CA ASN A 673 -0.22 23.66 9.33
C ASN A 673 0.14 25.12 9.11
N ALA A 674 0.63 25.80 10.13
CA ALA A 674 0.73 27.25 10.10
C ALA A 674 1.74 27.71 9.05
N GLY A 675 1.33 28.67 8.23
CA GLY A 675 2.22 29.28 7.26
C GLY A 675 2.49 28.48 6.01
N ASP A 676 1.68 27.46 5.72
CA ASP A 676 1.88 26.68 4.52
C ASP A 676 1.40 27.44 3.28
N VAL A 677 1.40 28.77 3.36
CA VAL A 677 1.15 29.63 2.21
C VAL A 677 -0.25 29.39 1.66
N ALA A 678 -0.53 28.15 1.25
CA ALA A 678 -1.85 27.73 0.82
C ALA A 678 -2.68 27.16 1.96
N TYR A 679 -2.37 27.47 3.21
CA TYR A 679 -3.18 27.00 4.31
C TYR A 679 -4.22 28.05 4.69
N ARG A 680 -5.46 27.61 4.82
CA ARG A 680 -6.56 28.49 5.23
C ARG A 680 -7.15 28.00 6.54
N PRO A 681 -6.97 28.73 7.64
CA PRO A 681 -7.35 28.21 8.96
C PRO A 681 -8.83 27.93 9.08
N MET A 682 -9.16 26.91 9.87
CA MET A 682 -10.56 26.54 10.09
C MET A 682 -11.19 27.37 11.20
N ALA A 683 -10.45 27.58 12.29
CA ALA A 683 -10.89 28.39 13.42
C ALA A 683 -10.65 29.87 13.15
N PRO A 684 -11.46 30.78 13.74
CA PRO A 684 -12.57 30.49 14.67
C PRO A 684 -13.91 30.34 13.96
N ASN A 685 -13.91 30.62 12.66
CA ASN A 685 -15.14 30.65 11.87
C ASN A 685 -15.33 29.30 11.18
N PHE A 686 -15.62 28.30 12.01
CA PHE A 686 -15.64 26.92 11.55
C PHE A 686 -16.60 26.72 10.39
N ASP A 687 -17.82 27.22 10.51
CA ASP A 687 -18.83 26.92 9.52
C ASP A 687 -18.67 27.74 8.24
N ASP A 688 -17.61 28.55 8.14
CA ASP A 688 -17.20 29.14 6.87
C ASP A 688 -16.14 28.31 6.17
N SER A 689 -15.59 27.30 6.84
CA SER A 689 -14.55 26.44 6.24
C SER A 689 -15.20 25.22 5.58
N ILE A 690 -15.02 25.09 4.26
CA ILE A 690 -15.52 23.89 3.58
C ILE A 690 -14.87 22.65 4.16
N ALA A 691 -13.60 22.74 4.55
CA ALA A 691 -12.89 21.60 5.10
C ALA A 691 -13.47 21.20 6.45
N PHE A 692 -13.71 22.18 7.32
CA PHE A 692 -14.32 21.86 8.62
C PHE A 692 -15.68 21.24 8.43
N LEU A 693 -16.50 21.78 7.52
CA LEU A 693 -17.82 21.22 7.27
C LEU A 693 -17.73 19.80 6.72
N ALA A 694 -16.77 19.55 5.82
CA ALA A 694 -16.54 18.19 5.31
C ALA A 694 -16.27 17.22 6.45
N ALA A 695 -15.39 17.61 7.39
CA ALA A 695 -15.05 16.75 8.51
C ALA A 695 -16.29 16.42 9.34
N GLN A 696 -17.10 17.45 9.62
CA GLN A 696 -18.33 17.23 10.37
C GLN A 696 -19.29 16.32 9.61
N GLU A 697 -19.42 16.53 8.30
CA GLU A 697 -20.34 15.74 7.50
C GLU A 697 -19.90 14.27 7.44
N LEU A 698 -18.58 14.02 7.36
CA LEU A 698 -18.10 12.64 7.36
C LEU A 698 -18.55 11.89 8.61
N ILE A 699 -18.60 12.57 9.76
CA ILE A 699 -19.06 11.93 10.98
C ILE A 699 -20.58 11.81 11.01
N LEU A 700 -21.28 12.92 10.74
CA LEU A 700 -22.73 12.95 10.96
C LEU A 700 -23.50 12.20 9.90
N SER A 701 -22.92 11.99 8.73
CA SER A 701 -23.53 11.20 7.66
C SER A 701 -22.90 9.84 7.52
N GLY A 702 -21.95 9.50 8.40
CA GLY A 702 -21.17 8.29 8.19
C GLY A 702 -22.01 7.03 8.14
N ALA A 703 -23.04 6.96 8.99
CA ALA A 703 -23.85 5.75 9.00
C ALA A 703 -24.60 5.55 7.69
N GLN A 704 -24.86 6.62 6.93
CA GLN A 704 -25.57 6.53 5.66
C GLN A 704 -24.65 6.49 4.44
N GLN A 705 -23.33 6.54 4.63
CA GLN A 705 -22.47 6.40 3.46
C GLN A 705 -22.34 4.92 3.09
N PRO A 706 -22.36 4.59 1.79
CA PRO A 706 -22.35 3.17 1.38
C PRO A 706 -21.09 2.50 1.88
N ASN A 707 -21.28 1.48 2.72
CA ASN A 707 -20.18 0.75 3.34
C ASN A 707 -19.23 1.66 4.08
N GLY A 708 -19.70 2.85 4.44
CA GLY A 708 -18.88 3.83 5.14
C GLY A 708 -17.80 4.50 4.31
N TYR A 709 -17.88 4.43 2.99
CA TYR A 709 -16.85 5.02 2.16
C TYR A 709 -16.83 6.55 2.26
N THR A 710 -15.63 7.12 2.24
CA THR A 710 -15.48 8.55 2.44
C THR A 710 -15.44 9.34 1.14
N GLU A 711 -15.26 8.69 -0.01
CA GLU A 711 -15.04 9.43 -1.24
C GLU A 711 -16.24 10.28 -1.66
N PRO A 712 -17.49 9.83 -1.54
CA PRO A 712 -18.60 10.70 -1.95
C PRO A 712 -18.57 12.07 -1.31
N ILE A 713 -18.30 12.15 0.00
CA ILE A 713 -18.25 13.45 0.68
C ILE A 713 -16.96 14.19 0.35
N LEU A 714 -15.81 13.50 0.36
CA LEU A 714 -14.54 14.17 0.05
C LEU A 714 -14.56 14.76 -1.35
N HIS A 715 -15.03 13.99 -2.33
CA HIS A 715 -15.03 14.47 -3.71
C HIS A 715 -15.94 15.68 -3.87
N ARG A 716 -17.16 15.60 -3.31
CA ARG A 716 -18.08 16.73 -3.37
C ARG A 716 -17.48 17.99 -2.74
N ARG A 717 -16.86 17.85 -1.56
CA ARG A 717 -16.35 19.01 -0.81
C ARG A 717 -15.10 19.59 -1.47
N ARG A 718 -14.23 18.74 -1.99
CA ARG A 718 -13.06 19.21 -2.72
C ARG A 718 -13.48 19.99 -3.96
N ARG A 719 -14.44 19.47 -4.69
CA ARG A 719 -14.93 20.16 -5.88
C ARG A 719 -15.59 21.48 -5.50
N GLU A 720 -16.33 21.49 -4.38
CA GLU A 720 -16.88 22.75 -3.88
C GLU A 720 -15.78 23.75 -3.58
N PHE A 721 -14.69 23.31 -2.93
CA PHE A 721 -13.59 24.22 -2.66
C PHE A 721 -12.98 24.78 -3.94
N LYS A 722 -12.73 23.90 -4.92
CA LYS A 722 -12.16 24.34 -6.18
C LYS A 722 -13.09 25.34 -6.89
N ALA A 723 -14.40 25.12 -6.80
CA ALA A 723 -15.34 26.01 -7.47
C ALA A 723 -15.35 27.38 -6.81
N ARG A 724 -15.26 27.43 -5.48
CA ARG A 724 -15.18 28.73 -4.80
C ARG A 724 -13.87 29.44 -5.13
N ALA A 725 -12.76 28.69 -5.18
CA ALA A 725 -11.48 29.31 -5.49
C ALA A 725 -11.48 29.93 -6.88
N ALA A 726 -12.22 29.36 -7.82
CA ALA A 726 -12.20 29.82 -9.19
C ALA A 726 -12.95 31.13 -9.40
N GLU A 727 -13.72 31.60 -8.42
CA GLU A 727 -14.55 32.80 -8.64
C GLU A 727 -14.11 33.97 -7.77
MG MG B . -7.44 -0.09 1.54
MG MG C . -31.00 2.15 7.26
MG MG D . 18.62 -18.52 6.46
C10 GXD E . -1.52 3.73 2.73
C13 GXD E . -0.98 5.14 4.63
C15 GXD E . -2.86 3.64 4.70
C02 GXD E . -5.64 -0.76 3.76
C04 GXD E . -4.86 0.03 2.79
C06 GXD E . -3.78 0.88 3.37
C07 GXD E . -3.51 2.20 2.69
C09 GXD E . -2.62 3.18 3.38
C12 GXD E . -0.72 4.69 3.34
C14 GXD E . -2.08 4.60 5.31
O01 GXD E . -6.98 -0.58 3.61
O03 GXD E . -5.24 -0.88 4.93
O05 GXD E . -5.28 0.04 1.63
O08 GXD E . -4.05 2.45 1.60
CL1 GXD E . -1.14 3.21 1.17
CL2 GXD E . -4.20 3.08 5.58
#